data_5TEE
#
_entry.id   5TEE
#
_cell.length_a   60.811
_cell.length_b   124.407
_cell.length_c   61.034
_cell.angle_alpha   90.000
_cell.angle_beta   119.490
_cell.angle_gamma   90.000
#
_symmetry.space_group_name_H-M   'P 1 21 1'
#
loop_
_entity.id
_entity.type
_entity.pdbx_description
1 polymer 'Gem-associated protein 5'
2 non-polymer GLYCEROL
3 non-polymer 'UNKNOWN ATOM OR ION'
4 non-polymer 'SODIUM ION'
5 water water
#
_entity_poly.entity_id   1
_entity_poly.type   'polypeptide(L)'
_entity_poly.pdbx_seq_one_letter_code
;MGSSHHHHHHSSGLVPRGSMGQEPRTLPPSPNWYCARCSDAVPGGLFGFAARTSVFLVRVGPGAGESPGTPPFRVIGELV
GHTERVSGFTFSHHPGQYNLCATSSDDGTVKIWDVETKTVVTEHALHQHTISTLHWSPRVKDLIVSGDEKGVVFCYWFNR
NDSQHLFIEPRTIFCLTCSPHHEDLVAIGYKDGIVVIIDISKKGEVIHRLRGHDDEIHSIAWCPLPGEDCLSINQEETSE
EAEITNGNAVAQAPVTKGCYLATGSKDQTIRIWSCSRGRGVMILKLPFLKRRGGGIDPTVKERLWLTLHWPSNQPTQLVS
SCFGGELLQWDLTQSWRRKYTLFSASSEGQNHSRIVFNLCPLQTEDDKQLLLSTSMDRDVKCWDIATLECSWTLPSLGGF
AYSLAFSSVDIGSLAIGVGDGMIRVWNTLSIKNNYDVKNFWQGVKSKVTALCWHPTKEGCLAFGTDDGKVGLYDTYSNKP
PQISSTYHKKTVYTLAWGPPVPPMSLGGEGDRPSLALYSCGGEGIVLQHNPWKLSGEAFDINKLIRDTNSIKYKLPVHTE
ISWKADGKIMALGNEDGSIEIFQIPNLKLICTIQQHHKLVNTISWHHEHGSQPELSYLMASGSNNAVIYVHNLKTVIESS
PESPVTITEPYRTLSGHTAKITSVAWSPHHDGRLVSASYDGTAQVWDALREEPLCNFRGHQGRLLCVAWSPLDPDCIYSG
ADDFCVHKWLTSMQDHSRPPQGKKSIELEKKRLSQPKA
;
_entity_poly.pdbx_strand_id   A
#
# COMPACT_ATOMS: atom_id res chain seq x y z
CA GLN A 22 9.79 6.99 -18.12
C GLN A 22 10.68 6.89 -16.86
N GLU A 23 10.03 6.88 -15.69
CA GLU A 23 10.74 6.66 -14.42
C GLU A 23 9.92 5.70 -13.51
N PRO A 24 10.61 4.90 -12.72
CA PRO A 24 9.89 3.93 -11.88
C PRO A 24 9.05 4.64 -10.81
N ARG A 25 8.05 3.98 -10.27
CA ARG A 25 7.23 4.54 -9.21
C ARG A 25 6.87 3.38 -8.28
N THR A 26 6.73 3.68 -6.99
CA THR A 26 6.25 2.71 -6.02
C THR A 26 5.07 3.27 -5.27
N LEU A 27 3.96 2.54 -5.28
CA LEU A 27 2.83 2.81 -4.41
C LEU A 27 3.11 1.94 -3.19
N PRO A 28 3.47 2.58 -2.07
CA PRO A 28 4.02 1.83 -0.96
C PRO A 28 2.97 1.30 0.03
N PRO A 29 3.38 0.44 0.98
CA PRO A 29 2.50 0.09 2.05
C PRO A 29 2.18 1.31 2.95
N SER A 30 1.07 1.27 3.62
CA SER A 30 0.65 2.38 4.47
C SER A 30 1.55 2.58 5.70
N PRO A 31 1.80 3.85 6.05
CA PRO A 31 2.45 4.16 7.30
C PRO A 31 1.75 3.50 8.48
N ASN A 32 2.53 2.95 9.42
CA ASN A 32 1.92 2.21 10.53
C ASN A 32 1.12 3.11 11.45
N TRP A 33 0.03 2.57 11.97
CA TRP A 33 -0.87 3.32 12.81
C TRP A 33 -0.55 3.18 14.28
N TYR A 34 -0.99 4.16 15.07
CA TYR A 34 -1.00 4.12 16.57
C TYR A 34 0.42 4.01 17.16
N CYS A 35 1.40 4.59 16.46
CA CYS A 35 2.79 4.66 16.93
C CYS A 35 3.14 6.13 17.13
N ALA A 36 3.58 6.49 18.32
CA ALA A 36 3.85 7.87 18.62
C ALA A 36 5.00 8.51 17.80
N ARG A 37 5.98 7.71 17.37
CA ARG A 37 7.00 8.18 16.42
C ARG A 37 7.44 7.07 15.54
N CYS A 38 6.77 6.92 14.39
CA CYS A 38 7.23 5.89 13.44
C CYS A 38 7.50 6.48 12.04
N SER A 39 7.78 7.78 12.05
CA SER A 39 8.20 8.50 10.87
C SER A 39 9.02 9.69 11.31
N ASP A 40 9.88 10.16 10.43
CA ASP A 40 10.76 11.31 10.71
C ASP A 40 11.38 11.82 9.42
N ALA A 41 11.98 13.00 9.51
CA ALA A 41 12.65 13.59 8.32
C ALA A 41 13.86 14.35 8.74
N VAL A 42 14.73 14.53 7.77
CA VAL A 42 15.93 15.31 7.92
C VAL A 42 16.00 16.36 6.83
N PRO A 43 16.75 17.44 7.07
CA PRO A 43 16.78 18.54 6.08
C PRO A 43 17.35 18.16 4.73
N GLY A 44 16.85 18.85 3.69
CA GLY A 44 17.39 18.70 2.33
C GLY A 44 16.29 18.39 1.34
N GLY A 45 15.58 17.28 1.53
CA GLY A 45 15.86 16.31 2.57
C GLY A 45 15.20 14.96 2.28
N LEU A 46 15.00 14.19 3.35
CA LEU A 46 14.63 12.81 3.25
C LEU A 46 13.58 12.54 4.32
N PHE A 47 12.52 11.86 3.93
CA PHE A 47 11.43 11.48 4.83
C PHE A 47 11.42 9.98 4.92
N GLY A 48 11.30 9.45 6.13
CA GLY A 48 11.16 8.05 6.31
C GLY A 48 9.95 7.67 7.10
N PHE A 49 9.33 6.56 6.72
CA PHE A 49 8.15 6.08 7.45
C PHE A 49 8.10 4.62 7.58
N ALA A 50 7.78 4.16 8.80
CA ALA A 50 7.60 2.76 9.03
C ALA A 50 6.33 2.26 8.37
N ALA A 51 6.42 1.11 7.72
CA ALA A 51 5.26 0.53 7.05
C ALA A 51 5.41 -0.96 7.03
N ARG A 52 4.48 -1.64 7.69
CA ARG A 52 4.63 -3.06 7.98
C ARG A 52 5.99 -3.32 8.62
N THR A 53 6.88 -4.14 8.01
CA THR A 53 8.13 -4.55 8.61
C THR A 53 9.32 -3.76 8.02
N SER A 54 9.06 -2.70 7.26
CA SER A 54 10.10 -1.88 6.63
C SER A 54 10.00 -0.44 7.06
N VAL A 55 11.01 0.33 6.67
CA VAL A 55 10.92 1.75 6.58
C VAL A 55 11.05 2.14 5.10
N PHE A 56 10.15 2.98 4.61
CA PHE A 56 10.26 3.49 3.26
C PHE A 56 10.82 4.89 3.29
N LEU A 57 11.68 5.17 2.33
CA LEU A 57 12.39 6.44 2.25
C LEU A 57 11.88 7.26 1.03
N VAL A 58 11.64 8.54 1.26
CA VAL A 58 11.11 9.48 0.24
C VAL A 58 12.01 10.73 0.21
N ARG A 59 12.63 10.97 -0.95
CA ARG A 59 13.41 12.20 -1.16
CA ARG A 59 13.40 12.20 -1.19
C ARG A 59 12.43 13.30 -1.44
N VAL A 60 12.66 14.44 -0.83
CA VAL A 60 11.79 15.58 -0.94
C VAL A 60 12.62 16.80 -1.25
N GLY A 61 12.20 17.56 -2.27
CA GLY A 61 12.86 18.82 -2.64
C GLY A 61 13.60 18.70 -3.96
N PRO A 62 14.53 19.62 -4.22
CA PRO A 62 15.21 19.62 -5.53
C PRO A 62 15.90 18.32 -5.85
N GLY A 63 16.42 17.62 -4.84
CA GLY A 63 17.12 16.36 -5.02
C GLY A 63 16.29 15.18 -5.49
N ALA A 64 14.95 15.26 -5.41
CA ALA A 64 14.05 14.25 -6.06
C ALA A 64 14.16 14.29 -7.59
C ALA A 64 14.18 14.29 -7.59
N GLY A 65 14.49 15.47 -8.13
N GLY A 65 14.48 15.47 -8.13
CA GLY A 65 14.73 15.64 -9.57
C GLY A 65 13.48 15.52 -10.44
N GLU A 66 12.36 16.08 -9.99
CA GLU A 66 11.12 16.05 -10.79
C GLU A 66 11.01 17.33 -11.62
N SER A 67 10.22 17.25 -12.70
CA SER A 67 9.95 18.40 -13.59
CA SER A 67 9.98 18.40 -13.57
C SER A 67 9.17 19.48 -12.83
N PRO A 68 9.29 20.77 -13.25
CA PRO A 68 8.52 21.85 -12.58
C PRO A 68 6.99 21.59 -12.52
N GLY A 69 6.34 21.90 -11.37
CA GLY A 69 4.89 21.69 -11.21
C GLY A 69 4.52 20.31 -10.65
N THR A 70 5.08 19.23 -11.26
CA THR A 70 5.09 17.85 -10.65
C THR A 70 5.66 17.84 -9.21
N PRO A 71 4.97 17.18 -8.27
CA PRO A 71 5.44 17.34 -6.87
C PRO A 71 6.89 16.86 -6.72
N PRO A 72 7.72 17.60 -5.99
CA PRO A 72 9.12 17.27 -5.91
C PRO A 72 9.35 16.24 -4.80
N PHE A 73 8.92 15.02 -5.06
CA PHE A 73 9.27 13.92 -4.16
C PHE A 73 9.39 12.66 -4.97
N ARG A 74 10.16 11.73 -4.43
CA ARG A 74 10.35 10.45 -5.05
C ARG A 74 10.60 9.38 -3.99
N VAL A 75 9.87 8.29 -4.10
CA VAL A 75 10.09 7.15 -3.22
C VAL A 75 11.36 6.44 -3.70
N ILE A 76 12.37 6.37 -2.85
CA ILE A 76 13.74 6.02 -3.34
C ILE A 76 14.38 4.80 -2.71
N GLY A 77 13.84 4.27 -1.65
CA GLY A 77 14.47 3.07 -1.05
C GLY A 77 13.71 2.56 0.15
N GLU A 78 14.23 1.49 0.74
CA GLU A 78 13.56 0.79 1.80
C GLU A 78 14.61 0.19 2.74
N LEU A 79 14.37 0.25 4.02
CA LEU A 79 15.22 -0.40 5.02
C LEU A 79 14.54 -1.72 5.32
N VAL A 80 15.17 -2.79 4.85
CA VAL A 80 14.69 -4.17 5.00
C VAL A 80 15.55 -4.95 5.95
N GLY A 81 14.91 -5.67 6.88
CA GLY A 81 15.64 -6.55 7.84
C GLY A 81 14.88 -6.91 9.11
N HIS A 82 14.00 -6.01 9.56
CA HIS A 82 13.06 -6.40 10.66
C HIS A 82 12.10 -7.49 10.20
N THR A 83 11.80 -8.39 11.14
CA THR A 83 10.90 -9.55 10.87
C THR A 83 9.48 -9.37 11.38
N GLU A 84 9.21 -8.24 12.07
CA GLU A 84 7.88 -7.91 12.61
CA GLU A 84 7.89 -7.92 12.59
C GLU A 84 7.70 -6.41 12.52
N ARG A 85 6.46 -5.98 12.75
CA ARG A 85 6.04 -4.58 12.69
C ARG A 85 7.13 -3.64 13.21
N VAL A 86 7.47 -2.66 12.38
CA VAL A 86 8.34 -1.56 12.81
C VAL A 86 7.49 -0.54 13.60
N SER A 87 7.80 -0.36 14.87
CA SER A 87 7.01 0.46 15.83
C SER A 87 7.55 1.84 16.04
N GLY A 88 8.77 2.07 15.60
CA GLY A 88 9.47 3.30 15.91
C GLY A 88 10.51 3.61 14.84
N PHE A 89 10.63 4.88 14.54
CA PHE A 89 11.66 5.36 13.58
C PHE A 89 12.08 6.78 13.92
N THR A 90 13.41 7.01 13.94
CA THR A 90 13.97 8.30 14.30
C THR A 90 15.25 8.52 13.51
N PHE A 91 15.40 9.66 12.86
CA PHE A 91 16.67 9.99 12.22
C PHE A 91 17.60 10.60 13.25
N SER A 92 18.93 10.46 13.05
CA SER A 92 19.86 11.40 13.64
C SER A 92 19.64 12.77 13.07
N HIS A 93 19.66 13.81 13.92
CA HIS A 93 19.62 15.19 13.49
C HIS A 93 20.95 15.90 13.79
N HIS A 94 22.01 15.12 13.75
CA HIS A 94 23.38 15.69 13.88
C HIS A 94 23.96 15.97 12.54
N PRO A 95 24.24 17.27 12.26
CA PRO A 95 24.98 17.55 11.01
C PRO A 95 26.13 16.59 10.67
N GLY A 96 26.16 16.16 9.39
CA GLY A 96 27.12 15.23 8.90
C GLY A 96 26.68 13.78 9.04
N GLN A 97 25.64 13.54 9.87
CA GLN A 97 25.13 12.18 10.16
C GLN A 97 23.60 12.07 9.97
N TYR A 98 23.05 12.90 9.10
CA TYR A 98 21.63 12.83 8.76
C TYR A 98 21.27 11.52 8.03
N ASN A 99 22.27 10.80 7.57
CA ASN A 99 22.10 9.53 6.95
C ASN A 99 21.91 8.41 7.98
N LEU A 100 22.12 8.66 9.25
CA LEU A 100 21.95 7.63 10.27
C LEU A 100 20.52 7.71 10.82
N CYS A 101 19.98 6.56 11.12
CA CYS A 101 18.68 6.50 11.75
C CYS A 101 18.51 5.25 12.58
N ALA A 102 17.42 5.20 13.34
CA ALA A 102 17.17 4.06 14.22
C ALA A 102 15.73 3.60 14.15
N THR A 103 15.53 2.29 14.29
CA THR A 103 14.19 1.69 14.30
C THR A 103 14.01 0.85 15.52
N SER A 104 12.74 0.71 15.96
CA SER A 104 12.35 -0.34 16.87
C SER A 104 11.31 -1.24 16.22
N SER A 105 11.17 -2.47 16.71
CA SER A 105 10.26 -3.40 16.14
C SER A 105 9.73 -4.35 17.15
N ASP A 106 8.55 -4.90 16.86
CA ASP A 106 7.97 -6.03 17.59
C ASP A 106 8.84 -7.28 17.57
N ASP A 107 9.84 -7.34 16.68
CA ASP A 107 10.83 -8.44 16.70
C ASP A 107 11.79 -8.36 17.87
N GLY A 108 11.70 -7.30 18.64
CA GLY A 108 12.51 -7.16 19.84
C GLY A 108 13.81 -6.40 19.68
N THR A 109 14.11 -5.90 18.49
CA THR A 109 15.35 -5.24 18.25
C THR A 109 15.22 -3.74 18.00
N VAL A 110 16.29 -3.03 18.34
CA VAL A 110 16.51 -1.64 17.96
C VAL A 110 17.68 -1.70 16.99
N LYS A 111 17.51 -1.19 15.79
CA LYS A 111 18.58 -1.22 14.76
C LYS A 111 19.00 0.19 14.38
N ILE A 112 20.31 0.37 14.17
CA ILE A 112 20.87 1.60 13.66
C ILE A 112 21.18 1.33 12.18
N TRP A 113 20.72 2.20 11.30
CA TRP A 113 20.86 2.02 9.84
C TRP A 113 21.61 3.20 9.25
N ASP A 114 22.27 2.95 8.13
CA ASP A 114 22.82 3.98 7.28
C ASP A 114 21.97 4.00 6.03
N VAL A 115 21.23 5.10 5.81
CA VAL A 115 20.35 5.14 4.67
C VAL A 115 21.10 5.18 3.32
N GLU A 116 22.38 5.56 3.31
CA GLU A 116 23.11 5.60 2.04
C GLU A 116 23.35 4.21 1.49
N THR A 117 23.59 3.23 2.39
CA THR A 117 23.76 1.83 2.02
C THR A 117 22.55 0.98 2.28
N LYS A 118 21.55 1.53 2.98
CA LYS A 118 20.38 0.77 3.41
C LYS A 118 20.73 -0.43 4.23
N THR A 119 21.80 -0.37 5.02
CA THR A 119 22.32 -1.51 5.77
CA THR A 119 22.26 -1.52 5.80
C THR A 119 22.32 -1.22 7.27
N VAL A 120 22.24 -2.28 8.07
CA VAL A 120 22.32 -2.12 9.53
C VAL A 120 23.76 -1.83 9.93
N VAL A 121 23.97 -0.84 10.77
CA VAL A 121 25.28 -0.53 11.25
C VAL A 121 25.56 -1.40 12.48
N THR A 122 24.60 -1.43 13.40
CA THR A 122 24.63 -2.26 14.58
C THR A 122 23.22 -2.30 15.18
N GLU A 123 23.05 -3.08 16.24
CA GLU A 123 21.75 -3.28 16.84
C GLU A 123 21.81 -3.92 18.18
N HIS A 124 20.72 -3.82 18.92
CA HIS A 124 20.60 -4.49 20.20
C HIS A 124 19.25 -5.16 20.35
N ALA A 125 19.24 -6.13 21.25
CA ALA A 125 18.01 -6.84 21.62
C ALA A 125 17.83 -6.83 23.14
N LEU A 126 18.14 -5.70 23.75
CA LEU A 126 18.09 -5.55 25.21
C LEU A 126 16.67 -5.59 25.80
N HIS A 127 15.67 -5.11 25.05
CA HIS A 127 14.31 -5.14 25.56
C HIS A 127 13.78 -6.56 25.63
N GLN A 128 12.98 -6.81 26.63
CA GLN A 128 12.27 -8.10 26.80
C GLN A 128 10.77 -7.99 26.67
N HIS A 129 10.26 -6.77 26.47
CA HIS A 129 8.86 -6.53 26.36
C HIS A 129 8.64 -5.68 25.09
N THR A 130 7.41 -5.66 24.55
CA THR A 130 7.14 -4.98 23.31
C THR A 130 7.57 -3.50 23.38
N ILE A 131 8.41 -3.10 22.44
CA ILE A 131 8.94 -1.75 22.41
C ILE A 131 7.83 -0.77 21.98
N SER A 132 7.76 0.36 22.66
CA SER A 132 6.77 1.39 22.35
C SER A 132 7.27 2.37 21.32
N THR A 133 8.46 2.90 21.56
CA THR A 133 9.01 3.98 20.80
C THR A 133 10.48 4.16 21.07
N LEU A 134 11.08 5.00 20.29
CA LEU A 134 12.45 5.45 20.50
C LEU A 134 12.70 6.82 19.92
N HIS A 135 13.82 7.42 20.33
CA HIS A 135 14.18 8.75 19.88
C HIS A 135 15.71 8.88 19.86
N TRP A 136 16.22 9.43 18.79
CA TRP A 136 17.67 9.80 18.72
C TRP A 136 17.88 11.12 19.42
N SER A 137 18.81 11.13 20.38
CA SER A 137 19.12 12.35 21.12
C SER A 137 19.49 13.49 20.18
N PRO A 138 18.88 14.62 20.35
CA PRO A 138 19.31 15.86 19.67
C PRO A 138 20.69 16.39 20.08
N ARG A 139 21.14 16.00 21.27
CA ARG A 139 22.36 16.54 21.87
C ARG A 139 23.56 15.60 21.87
N VAL A 140 23.33 14.30 21.90
CA VAL A 140 24.42 13.35 21.99
C VAL A 140 24.43 12.55 20.69
N LYS A 141 25.59 12.53 20.04
CA LYS A 141 25.63 12.04 18.67
C LYS A 141 25.23 10.63 18.42
N ASP A 142 25.52 9.74 19.38
CA ASP A 142 25.26 8.34 19.21
C ASP A 142 24.21 7.77 20.21
N LEU A 143 23.43 8.63 20.88
CA LEU A 143 22.51 8.16 21.92
C LEU A 143 21.11 7.97 21.34
N ILE A 144 20.59 6.75 21.45
CA ILE A 144 19.18 6.41 21.11
C ILE A 144 18.51 5.92 22.40
N VAL A 145 17.35 6.52 22.73
CA VAL A 145 16.64 6.17 23.94
C VAL A 145 15.37 5.46 23.48
N SER A 146 15.13 4.27 24.02
CA SER A 146 13.93 3.51 23.68
C SER A 146 13.15 3.14 24.95
N GLY A 147 11.84 2.96 24.81
CA GLY A 147 11.02 2.58 25.98
C GLY A 147 10.05 1.52 25.61
N ASP A 148 9.67 0.67 26.56
CA ASP A 148 8.76 -0.46 26.28
C ASP A 148 7.44 -0.45 27.09
N GLU A 149 6.60 -1.44 26.80
CA GLU A 149 5.24 -1.50 27.35
CA GLU A 149 5.25 -1.46 27.34
C GLU A 149 5.20 -1.81 28.83
N LYS A 150 6.31 -2.31 29.40
CA LYS A 150 6.40 -2.49 30.84
C LYS A 150 7.03 -1.35 31.59
N GLY A 151 7.52 -0.32 30.87
CA GLY A 151 8.14 0.81 31.46
C GLY A 151 9.67 0.84 31.48
N VAL A 152 10.29 -0.18 30.91
CA VAL A 152 11.74 -0.25 30.82
C VAL A 152 12.24 0.71 29.71
N VAL A 153 13.29 1.47 30.05
CA VAL A 153 13.91 2.39 29.15
C VAL A 153 15.34 1.92 28.91
N PHE A 154 15.77 1.92 27.65
CA PHE A 154 17.21 1.71 27.37
C PHE A 154 17.83 2.92 26.78
N CYS A 155 18.96 3.31 27.35
CA CYS A 155 19.85 4.31 26.74
C CYS A 155 20.93 3.53 26.02
N TYR A 156 21.07 3.82 24.73
CA TYR A 156 22.00 3.08 23.87
C TYR A 156 22.96 4.04 23.18
N TRP A 157 24.25 3.93 23.52
CA TRP A 157 25.27 4.78 22.87
C TRP A 157 25.91 3.86 21.85
N PHE A 158 25.33 3.86 20.64
CA PHE A 158 25.63 2.82 19.67
C PHE A 158 27.09 2.78 19.22
N ASN A 159 27.76 3.93 19.24
CA ASN A 159 29.07 4.06 18.59
C ASN A 159 30.20 3.92 19.58
N ARG A 160 29.87 3.46 20.78
CA ARG A 160 30.87 3.11 21.80
CA ARG A 160 30.87 3.12 21.81
C ARG A 160 30.50 1.84 22.56
N ASN A 161 29.55 1.07 22.03
CA ASN A 161 29.17 -0.22 22.62
C ASN A 161 28.78 -0.15 24.09
N ASP A 162 28.01 0.89 24.47
CA ASP A 162 27.53 1.03 25.86
CA ASP A 162 27.55 1.07 25.85
C ASP A 162 26.02 1.17 25.90
N SER A 163 25.42 0.71 26.98
CA SER A 163 23.99 0.85 27.16
C SER A 163 23.70 0.88 28.62
N GLN A 164 22.57 1.42 28.96
CA GLN A 164 22.10 1.46 30.36
CA GLN A 164 22.10 1.41 30.36
C GLN A 164 20.57 1.23 30.39
N HIS A 165 20.08 0.35 31.28
CA HIS A 165 18.62 0.28 31.51
C HIS A 165 18.19 1.23 32.60
N LEU A 166 17.01 1.81 32.43
CA LEU A 166 16.36 2.61 33.45
C LEU A 166 14.94 2.09 33.65
N PHE A 167 14.39 2.29 34.85
CA PHE A 167 13.02 1.90 35.09
C PHE A 167 12.42 2.96 35.92
N ILE A 168 11.40 3.62 35.40
CA ILE A 168 10.91 4.78 36.08
C ILE A 168 9.70 4.46 36.92
N GLU A 169 8.61 4.14 36.25
CA GLU A 169 7.35 3.77 36.81
C GLU A 169 6.76 2.56 36.06
N PRO A 170 6.07 1.68 36.80
CA PRO A 170 5.47 0.49 36.19
C PRO A 170 4.18 0.83 35.44
N ARG A 171 4.38 1.37 34.24
CA ARG A 171 3.31 1.95 33.41
C ARG A 171 3.76 1.76 31.95
N THR A 172 2.80 1.66 31.05
CA THR A 172 3.08 1.43 29.64
C THR A 172 3.50 2.71 29.01
N ILE A 173 4.71 2.73 28.47
CA ILE A 173 5.20 3.93 27.80
C ILE A 173 4.46 4.06 26.47
N PHE A 174 4.02 5.28 26.18
CA PHE A 174 3.49 5.60 24.86
C PHE A 174 4.42 6.44 24.03
N CYS A 175 5.02 7.45 24.63
CA CYS A 175 5.89 8.34 23.92
C CYS A 175 7.05 8.79 24.75
N LEU A 176 8.11 9.17 24.05
CA LEU A 176 9.30 9.63 24.69
CA LEU A 176 9.22 9.79 24.73
C LEU A 176 9.97 10.68 23.79
N THR A 177 10.45 11.76 24.34
CA THR A 177 11.18 12.79 23.61
C THR A 177 12.30 13.39 24.43
N CYS A 178 13.52 13.19 23.97
CA CYS A 178 14.69 13.84 24.53
C CYS A 178 14.67 15.34 24.34
N SER A 179 15.13 16.03 25.36
CA SER A 179 15.18 17.49 25.33
C SER A 179 16.16 17.96 24.24
N PRO A 180 15.81 19.02 23.52
CA PRO A 180 16.76 19.61 22.56
C PRO A 180 17.81 20.46 23.22
N HIS A 181 17.65 20.78 24.48
CA HIS A 181 18.50 21.76 25.18
C HIS A 181 19.45 21.11 26.22
N HIS A 182 19.02 20.02 26.84
CA HIS A 182 19.78 19.40 27.94
CA HIS A 182 19.77 19.42 27.92
C HIS A 182 19.94 17.93 27.64
N GLU A 183 21.18 17.53 27.45
CA GLU A 183 21.55 16.17 27.06
C GLU A 183 21.10 15.04 27.99
N ASP A 184 20.85 15.34 29.25
CA ASP A 184 20.42 14.33 30.21
C ASP A 184 18.91 14.19 30.41
N LEU A 185 18.14 15.13 29.85
CA LEU A 185 16.71 15.21 30.17
C LEU A 185 15.84 14.57 29.09
N VAL A 186 14.91 13.71 29.54
CA VAL A 186 13.99 13.01 28.65
C VAL A 186 12.56 13.12 29.23
N ALA A 187 11.57 13.47 28.38
CA ALA A 187 10.17 13.43 28.77
C ALA A 187 9.58 12.12 28.33
N ILE A 188 8.79 11.52 29.18
CA ILE A 188 8.12 10.22 28.93
C ILE A 188 6.62 10.41 29.23
N GLY A 189 5.76 9.97 28.28
CA GLY A 189 4.34 9.94 28.49
C GLY A 189 3.83 8.55 28.43
N TYR A 190 2.87 8.27 29.28
CA TYR A 190 2.34 6.94 29.47
C TYR A 190 0.89 6.77 29.08
N LYS A 191 0.50 5.50 28.93
CA LYS A 191 -0.88 5.11 28.55
C LYS A 191 -1.95 5.70 29.46
N ASP A 192 -1.64 5.85 30.73
CA ASP A 192 -2.59 6.34 31.73
C ASP A 192 -2.62 7.86 31.92
N GLY A 193 -1.84 8.63 31.14
CA GLY A 193 -1.81 10.07 31.30
C GLY A 193 -0.66 10.66 32.06
N ILE A 194 0.11 9.85 32.77
CA ILE A 194 1.29 10.33 33.48
C ILE A 194 2.32 10.86 32.49
N VAL A 195 2.89 11.99 32.85
CA VAL A 195 4.03 12.57 32.13
C VAL A 195 5.11 12.85 33.15
N VAL A 196 6.34 12.44 32.84
CA VAL A 196 7.52 12.74 33.68
C VAL A 196 8.64 13.31 32.84
N ILE A 197 9.46 14.13 33.47
CA ILE A 197 10.77 14.50 32.95
C ILE A 197 11.80 13.83 33.85
N ILE A 198 12.69 13.04 33.23
CA ILE A 198 13.70 12.25 33.93
C ILE A 198 15.10 12.71 33.57
N ASP A 199 16.04 12.42 34.47
CA ASP A 199 17.43 12.72 34.20
C ASP A 199 18.18 11.37 34.06
N ILE A 200 18.64 11.09 32.87
CA ILE A 200 19.24 9.84 32.57
C ILE A 200 20.66 9.67 33.16
N SER A 201 21.23 10.76 33.63
CA SER A 201 22.55 10.73 34.35
C SER A 201 22.38 10.42 35.83
N LYS A 202 21.13 10.45 36.33
CA LYS A 202 20.82 10.12 37.72
C LYS A 202 19.91 8.92 37.82
N LYS A 203 20.21 7.89 37.05
CA LYS A 203 19.48 6.63 37.05
C LYS A 203 17.98 6.81 36.71
N GLY A 204 17.64 7.80 35.89
CA GLY A 204 16.26 8.04 35.52
C GLY A 204 15.41 8.79 36.51
N GLU A 205 16.05 9.37 37.53
CA GLU A 205 15.33 10.14 38.56
C GLU A 205 14.29 11.09 37.94
N VAL A 206 13.07 11.05 38.46
CA VAL A 206 12.03 11.95 38.02
C VAL A 206 12.29 13.34 38.57
N ILE A 207 12.60 14.28 37.68
CA ILE A 207 12.82 15.69 38.03
C ILE A 207 11.53 16.46 38.12
N HIS A 208 10.55 16.16 37.24
CA HIS A 208 9.24 16.83 37.26
C HIS A 208 8.20 15.80 36.91
N ARG A 209 7.14 15.77 37.69
CA ARG A 209 5.95 15.03 37.40
C ARG A 209 4.90 16.00 36.94
N LEU A 210 4.41 15.82 35.74
CA LEU A 210 3.53 16.77 35.12
C LEU A 210 2.14 16.16 35.15
N ARG A 211 1.32 16.66 36.08
CA ARG A 211 0.00 16.07 36.37
C ARG A 211 -1.11 16.87 35.73
N GLY A 212 -2.03 16.18 35.07
CA GLY A 212 -3.15 16.84 34.46
C GLY A 212 -3.92 16.06 33.44
N HIS A 213 -3.24 15.25 32.63
CA HIS A 213 -3.92 14.46 31.66
C HIS A 213 -4.53 13.24 32.31
N ASP A 214 -5.63 12.81 31.71
N ASP A 214 -5.64 12.73 31.81
CA ASP A 214 -6.39 11.65 32.20
CA ASP A 214 -6.08 11.40 32.33
C ASP A 214 -6.43 10.44 31.28
C ASP A 214 -6.49 10.48 31.21
N ASP A 215 -5.68 10.49 30.16
CA ASP A 215 -5.74 9.43 29.18
C ASP A 215 -4.41 9.45 28.40
N GLU A 216 -4.29 8.51 27.50
CA GLU A 216 -3.06 8.27 26.73
C GLU A 216 -2.36 9.54 26.31
N ILE A 217 -1.07 9.59 26.53
CA ILE A 217 -0.23 10.67 25.99
C ILE A 217 0.25 10.22 24.61
N HIS A 218 -0.02 10.99 23.57
CA HIS A 218 0.33 10.61 22.22
C HIS A 218 1.59 11.28 21.70
N SER A 219 1.92 12.44 22.25
CA SER A 219 3.03 13.24 21.72
C SER A 219 3.59 14.18 22.76
N ILE A 220 4.91 14.32 22.80
CA ILE A 220 5.55 15.32 23.64
C ILE A 220 6.49 16.13 22.76
N ALA A 221 6.32 17.45 22.76
CA ALA A 221 7.17 18.35 21.98
C ALA A 221 7.75 19.41 22.93
N TRP A 222 9.09 19.53 22.93
CA TRP A 222 9.77 20.55 23.72
C TRP A 222 9.76 21.86 22.89
N CYS A 223 9.70 23.00 23.57
CA CYS A 223 9.77 24.29 22.87
C CYS A 223 11.17 24.36 22.24
N PRO A 224 11.27 24.77 20.99
CA PRO A 224 12.60 24.76 20.32
C PRO A 224 13.55 25.83 20.85
N LEU A 225 13.00 26.81 21.56
CA LEU A 225 13.78 27.83 22.26
C LEU A 225 13.92 27.49 23.72
N PRO A 226 15.11 27.75 24.30
CA PRO A 226 15.26 27.51 25.74
C PRO A 226 14.65 28.65 26.56
N GLY A 227 14.49 28.43 27.86
CA GLY A 227 13.98 29.46 28.77
C GLY A 227 12.48 29.55 28.76
N GLU A 228 11.94 30.30 29.74
CA GLU A 228 10.49 30.52 29.87
C GLU A 228 10.08 32.00 29.72
N ASP A 229 10.70 32.65 28.74
CA ASP A 229 10.46 34.08 28.42
C ASP A 229 9.78 34.26 27.08
N CYS A 230 9.67 33.19 26.28
CA CYS A 230 9.33 33.34 24.87
C CYS A 230 7.81 33.26 24.56
N LEU A 231 6.96 33.01 25.57
CA LEU A 231 5.50 32.84 25.36
N GLY A 258 14.66 27.84 32.43
CA GLY A 258 13.99 26.51 32.33
C GLY A 258 13.62 26.20 30.86
N CYS A 259 12.42 25.63 30.63
CA CYS A 259 11.93 25.40 29.24
CA CYS A 259 11.96 25.33 29.28
C CYS A 259 10.45 25.10 29.29
N TYR A 260 9.83 25.22 28.14
CA TYR A 260 8.44 24.88 28.00
C TYR A 260 8.39 23.54 27.24
N LEU A 261 7.35 22.75 27.57
N LEU A 261 7.40 22.71 27.51
CA LEU A 261 7.05 21.42 27.02
CA LEU A 261 7.13 21.60 26.62
C LEU A 261 5.56 21.42 26.62
C LEU A 261 5.63 21.41 26.59
N ALA A 262 5.17 20.75 25.53
CA ALA A 262 3.77 20.55 25.24
C ALA A 262 3.51 19.07 25.17
N THR A 263 2.34 18.67 25.68
CA THR A 263 1.87 17.31 25.60
C THR A 263 0.48 17.23 25.00
N GLY A 264 0.29 16.25 24.13
CA GLY A 264 -1.01 15.99 23.52
C GLY A 264 -1.52 14.62 23.92
N SER A 265 -2.83 14.53 24.14
CA SER A 265 -3.46 13.37 24.71
C SER A 265 -4.78 13.00 24.09
N LYS A 266 -5.12 11.72 24.24
CA LYS A 266 -6.42 11.22 23.87
C LYS A 266 -7.53 11.94 24.64
N ASP A 267 -7.18 12.53 25.76
CA ASP A 267 -8.16 13.32 26.55
C ASP A 267 -8.63 14.67 25.86
N GLN A 268 -8.07 14.98 24.67
CA GLN A 268 -8.47 16.06 23.80
C GLN A 268 -7.86 17.37 24.25
N THR A 269 -6.92 17.32 25.21
CA THR A 269 -6.17 18.50 25.59
C THR A 269 -4.72 18.46 25.14
N ILE A 270 -4.24 19.66 24.84
CA ILE A 270 -2.82 19.97 24.70
C ILE A 270 -2.45 20.80 25.91
N ARG A 271 -1.47 20.34 26.67
CA ARG A 271 -1.03 21.06 27.87
C ARG A 271 0.36 21.57 27.68
N ILE A 272 0.55 22.85 27.99
CA ILE A 272 1.87 23.50 27.97
C ILE A 272 2.37 23.57 29.41
N TRP A 273 3.61 23.17 29.62
CA TRP A 273 4.16 23.03 30.97
C TRP A 273 5.41 23.84 31.14
N SER A 274 5.62 24.36 32.35
CA SER A 274 6.83 25.03 32.72
C SER A 274 7.74 23.95 33.29
N CYS A 275 8.88 23.68 32.63
CA CYS A 275 9.77 22.60 33.11
C CYS A 275 10.76 23.10 34.15
N SER A 276 10.70 24.40 34.51
CA SER A 276 11.32 24.98 35.73
C SER A 276 10.53 24.56 36.94
N ARG A 277 9.25 24.96 36.95
CA ARG A 277 8.34 24.84 38.08
C ARG A 277 7.44 23.57 38.05
N GLY A 278 7.65 22.66 37.09
CA GLY A 278 6.83 21.45 36.91
C GLY A 278 5.31 21.65 37.02
N ARG A 279 4.79 22.70 36.42
CA ARG A 279 3.37 23.04 36.54
C ARG A 279 2.83 23.44 35.17
N GLY A 280 1.56 23.20 34.94
CA GLY A 280 0.89 23.57 33.68
C GLY A 280 0.77 25.06 33.61
N VAL A 281 1.00 25.63 32.44
CA VAL A 281 0.79 27.06 32.22
C VAL A 281 -0.33 27.36 31.25
N MET A 282 -0.78 26.39 30.48
CA MET A 282 -1.81 26.63 29.49
C MET A 282 -2.47 25.33 29.12
N ILE A 283 -3.80 25.35 28.91
CA ILE A 283 -4.53 24.18 28.46
C ILE A 283 -5.27 24.55 27.17
N LEU A 284 -5.04 23.78 26.10
CA LEU A 284 -5.75 23.98 24.87
C LEU A 284 -6.65 22.77 24.73
N LYS A 285 -7.87 22.96 24.31
CA LYS A 285 -8.78 21.84 24.16
C LYS A 285 -9.21 21.84 22.73
N LEU A 286 -9.29 20.64 22.10
CA LEU A 286 -9.58 20.61 20.68
C LEU A 286 -10.97 21.17 20.37
N PRO A 287 -11.10 21.89 19.25
CA PRO A 287 -12.44 22.40 18.85
C PRO A 287 -13.24 21.29 18.24
N PHE A 288 -14.56 21.46 18.25
CA PHE A 288 -15.46 20.52 17.64
C PHE A 288 -15.78 21.14 16.28
N LEU A 289 -15.18 20.60 15.23
CA LEU A 289 -15.34 21.12 13.86
C LEU A 289 -16.21 20.21 13.02
N LYS A 290 -16.98 20.80 12.09
CA LYS A 290 -17.72 20.01 11.06
C LYS A 290 -16.71 19.25 10.17
N ARG A 291 -17.07 18.04 9.75
CA ARG A 291 -16.21 17.25 8.85
C ARG A 291 -16.26 17.87 7.45
N ARG A 292 -15.14 17.87 6.75
CA ARG A 292 -15.18 18.30 5.36
C ARG A 292 -14.40 17.37 4.47
N GLY A 293 -14.82 17.37 3.21
CA GLY A 293 -14.28 16.49 2.19
C GLY A 293 -15.18 15.30 1.91
N GLY A 294 -14.68 14.39 1.06
CA GLY A 294 -15.43 13.19 0.67
C GLY A 294 -15.85 12.39 1.89
N GLY A 295 -17.10 11.90 1.86
CA GLY A 295 -17.69 11.10 2.96
C GLY A 295 -16.96 9.78 3.15
N ILE A 296 -16.66 9.46 4.43
CA ILE A 296 -15.88 8.29 4.82
C ILE A 296 -16.83 7.18 5.27
N ASP A 297 -16.29 5.97 5.37
CA ASP A 297 -17.05 4.81 5.84
C ASP A 297 -17.40 4.97 7.35
N PRO A 298 -18.71 5.13 7.68
CA PRO A 298 -19.09 5.37 9.09
C PRO A 298 -18.86 4.16 10.03
N THR A 299 -18.77 2.95 9.47
CA THR A 299 -18.62 1.73 10.27
C THR A 299 -17.20 1.48 10.80
N VAL A 300 -16.22 2.28 10.35
CA VAL A 300 -14.81 2.09 10.78
C VAL A 300 -14.60 2.76 12.15
N LYS A 301 -14.01 2.00 13.10
CA LYS A 301 -13.73 2.49 14.47
C LYS A 301 -12.52 3.44 14.36
N GLU A 302 -12.70 4.67 14.88
CA GLU A 302 -11.64 5.68 14.88
C GLU A 302 -11.73 6.55 16.15
N ARG A 303 -10.69 6.48 16.96
CA ARG A 303 -10.60 7.31 18.16
C ARG A 303 -9.47 8.33 17.89
N LEU A 304 -9.44 9.39 18.66
CA LEU A 304 -8.53 10.47 18.43
C LEU A 304 -7.07 10.05 18.60
N TRP A 305 -6.20 10.59 17.76
CA TRP A 305 -4.78 10.60 18.02
C TRP A 305 -4.36 12.09 17.97
N LEU A 306 -3.74 12.60 19.04
CA LEU A 306 -3.44 13.99 19.18
C LEU A 306 -1.91 14.14 19.21
N THR A 307 -1.36 14.39 18.03
CA THR A 307 0.09 14.57 17.89
C THR A 307 0.48 16.04 17.69
N LEU A 308 1.76 16.40 17.89
CA LEU A 308 2.20 17.80 17.94
C LEU A 308 3.43 18.03 17.10
N HIS A 309 3.58 19.25 16.60
CA HIS A 309 4.83 19.71 16.06
C HIS A 309 5.01 21.16 16.50
N TRP A 310 6.14 21.45 17.12
CA TRP A 310 6.43 22.77 17.64
C TRP A 310 7.50 23.39 16.71
N PRO A 311 7.09 24.29 15.83
CA PRO A 311 8.00 24.77 14.77
C PRO A 311 9.13 25.68 15.28
N SER A 312 10.36 25.39 14.87
CA SER A 312 11.55 26.18 15.22
CA SER A 312 11.49 26.20 15.31
C SER A 312 11.47 27.62 14.75
N ASN A 313 10.91 27.84 13.57
CA ASN A 313 10.83 29.23 13.01
C ASN A 313 9.66 30.01 13.52
N GLN A 314 8.72 29.37 14.19
CA GLN A 314 7.63 30.08 14.81
C GLN A 314 7.41 29.59 16.22
N PRO A 315 8.30 29.98 17.14
CA PRO A 315 8.23 29.42 18.51
C PRO A 315 7.05 29.76 19.36
N THR A 316 6.21 30.74 18.99
CA THR A 316 5.01 31.04 19.72
C THR A 316 3.82 30.30 19.16
N GLN A 317 4.04 29.43 18.17
CA GLN A 317 2.97 28.67 17.53
C GLN A 317 3.19 27.17 17.76
N LEU A 318 2.11 26.40 17.71
CA LEU A 318 2.14 24.91 17.95
C LEU A 318 1.19 24.25 17.04
N VAL A 319 1.66 23.27 16.27
CA VAL A 319 0.79 22.51 15.36
C VAL A 319 0.29 21.25 16.02
N SER A 320 -0.98 20.96 15.85
CA SER A 320 -1.53 19.70 16.33
C SER A 320 -2.42 19.06 15.32
N SER A 321 -2.59 17.75 15.47
CA SER A 321 -3.71 17.06 14.83
C SER A 321 -4.99 17.30 15.60
N CYS A 322 -6.10 16.85 15.00
CA CYS A 322 -7.43 17.07 15.58
C CYS A 322 -8.34 15.93 15.11
N PHE A 323 -9.57 15.91 15.55
CA PHE A 323 -10.55 14.97 15.05
C PHE A 323 -10.58 15.01 13.51
N GLY A 324 -10.77 13.83 12.91
CA GLY A 324 -10.90 13.71 11.45
C GLY A 324 -9.60 13.93 10.71
N GLY A 325 -8.49 14.06 11.45
CA GLY A 325 -7.23 14.35 10.83
C GLY A 325 -7.05 15.78 10.32
N GLU A 326 -7.90 16.71 10.75
CA GLU A 326 -7.62 18.12 10.48
C GLU A 326 -6.35 18.47 11.23
N LEU A 327 -5.59 19.41 10.66
CA LEU A 327 -4.39 19.94 11.34
C LEU A 327 -4.69 21.38 11.75
N LEU A 328 -4.19 21.76 12.91
CA LEU A 328 -4.41 23.08 13.48
C LEU A 328 -3.10 23.75 13.79
N GLN A 329 -3.02 25.07 13.53
CA GLN A 329 -1.92 25.86 14.08
C GLN A 329 -2.46 26.70 15.21
N TRP A 330 -1.95 26.46 16.41
CA TRP A 330 -2.37 27.16 17.61
C TRP A 330 -1.48 28.39 17.85
N ASP A 331 -2.10 29.51 18.17
CA ASP A 331 -1.35 30.70 18.55
C ASP A 331 -1.22 30.74 20.07
N LEU A 332 -0.03 30.49 20.58
CA LEU A 332 0.15 30.35 22.01
C LEU A 332 0.29 31.71 22.70
N THR A 333 0.39 32.81 21.92
CA THR A 333 0.39 34.18 22.49
C THR A 333 -1.00 34.59 22.97
N GLN A 334 -2.02 33.95 22.38
CA GLN A 334 -3.40 34.09 22.87
C GLN A 334 -3.75 33.13 24.05
N SER A 335 -2.85 32.21 24.41
CA SER A 335 -3.12 31.23 25.47
N TRP A 336 -5.35 31.93 27.14
CA TRP A 336 -6.77 32.07 27.45
C TRP A 336 -7.64 31.87 26.18
N ARG A 337 -7.49 32.77 25.20
CA ARG A 337 -8.41 32.86 24.04
C ARG A 337 -8.47 31.64 23.08
N ARG A 338 -7.52 30.70 23.16
CA ARG A 338 -7.52 29.44 22.35
C ARG A 338 -7.67 29.69 20.83
N LYS A 339 -6.77 30.48 20.27
CA LYS A 339 -6.85 30.79 18.83
C LYS A 339 -6.15 29.70 18.05
N TYR A 340 -6.86 29.15 17.09
CA TYR A 340 -6.28 28.19 16.14
C TYR A 340 -6.64 28.60 14.73
N THR A 341 -5.83 28.11 13.78
CA THR A 341 -6.09 28.19 12.37
C THR A 341 -6.03 26.79 11.77
N LEU A 342 -7.05 26.46 11.00
CA LEU A 342 -7.14 25.22 10.27
C LEU A 342 -6.17 25.24 9.08
N PHE A 343 -5.43 24.14 8.88
CA PHE A 343 -4.62 23.95 7.67
C PHE A 343 -5.59 23.81 6.49
N SER A 344 -5.21 24.41 5.37
CA SER A 344 -6.00 24.41 4.15
C SER A 344 -7.43 24.89 4.40
N ALA A 345 -7.57 26.00 5.13
CA ALA A 345 -8.92 26.51 5.52
C ALA A 345 -9.67 27.00 4.28
N SER A 346 -8.95 27.51 3.29
CA SER A 346 -9.60 28.20 2.12
C SER A 346 -9.71 27.33 0.87
N SER A 347 -9.38 26.04 1.00
CA SER A 347 -9.36 25.15 -0.15
C SER A 347 -9.90 23.83 0.34
N GLU A 348 -10.86 23.28 -0.41
CA GLU A 348 -11.50 22.04 -0.06
C GLU A 348 -10.84 20.86 -0.72
N GLY A 349 -11.13 19.68 -0.19
CA GLY A 349 -10.59 18.42 -0.67
C GLY A 349 -9.13 18.12 -0.40
N GLN A 350 -8.47 18.92 0.45
CA GLN A 350 -7.02 18.72 0.73
C GLN A 350 -6.73 18.10 2.11
N ASN A 351 -7.63 18.32 3.06
CA ASN A 351 -7.40 17.82 4.42
C ASN A 351 -7.45 16.31 4.46
N HIS A 352 -6.78 15.73 5.44
CA HIS A 352 -6.96 14.28 5.69
C HIS A 352 -8.41 14.05 6.08
N SER A 353 -8.84 12.80 5.94
CA SER A 353 -10.20 12.44 6.29
C SER A 353 -10.30 11.55 7.54
N ARG A 354 -9.18 11.10 8.07
CA ARG A 354 -9.14 10.33 9.32
C ARG A 354 -7.92 10.85 10.09
N ILE A 355 -7.85 10.47 11.36
CA ILE A 355 -6.81 10.88 12.30
C ILE A 355 -5.39 10.85 11.75
N VAL A 356 -4.64 11.86 12.18
CA VAL A 356 -3.24 11.96 11.84
C VAL A 356 -2.40 11.39 13.01
N PHE A 357 -1.41 10.55 12.68
CA PHE A 357 -0.56 9.98 13.72
C PHE A 357 0.75 10.71 13.97
N ASN A 358 1.46 11.07 12.88
CA ASN A 358 2.77 11.66 13.03
C ASN A 358 2.90 12.91 12.19
N LEU A 359 3.70 13.86 12.65
CA LEU A 359 4.03 15.09 11.96
C LEU A 359 5.55 15.27 11.97
N CYS A 360 6.16 15.47 10.78
CA CYS A 360 7.64 15.49 10.59
C CYS A 360 8.02 16.75 9.83
N PRO A 361 8.74 17.69 10.47
CA PRO A 361 9.27 18.81 9.69
C PRO A 361 10.45 18.48 8.77
N LEU A 362 10.48 19.20 7.65
CA LEU A 362 11.54 19.01 6.63
C LEU A 362 11.79 20.36 5.95
N GLN A 363 13.00 20.91 6.13
CA GLN A 363 13.44 22.15 5.48
CA GLN A 363 13.40 22.15 5.46
C GLN A 363 14.16 21.75 4.22
N THR A 364 13.67 22.11 3.06
CA THR A 364 14.34 21.68 1.81
C THR A 364 15.56 22.53 1.53
N GLU A 365 16.42 22.02 0.63
CA GLU A 365 17.63 22.77 0.18
C GLU A 365 17.26 24.11 -0.43
N ASP A 366 16.09 24.21 -1.05
CA ASP A 366 15.60 25.53 -1.58
C ASP A 366 14.74 26.30 -0.58
N ASP A 367 14.94 26.01 0.71
CA ASP A 367 14.38 26.74 1.87
C ASP A 367 12.85 26.62 2.09
N LYS A 368 12.19 25.62 1.51
CA LYS A 368 10.76 25.43 1.82
C LYS A 368 10.63 24.81 3.26
N GLN A 369 9.76 25.39 4.11
CA GLN A 369 9.42 24.84 5.42
CA GLN A 369 9.43 24.85 5.43
C GLN A 369 8.27 23.85 5.29
N LEU A 370 8.57 22.58 5.20
CA LEU A 370 7.55 21.57 4.97
C LEU A 370 7.23 20.78 6.24
N LEU A 371 6.06 20.15 6.22
CA LEU A 371 5.63 19.30 7.31
C LEU A 371 4.90 18.12 6.74
N LEU A 372 5.40 16.92 7.00
CA LEU A 372 4.81 15.71 6.51
C LEU A 372 3.90 15.11 7.55
N SER A 373 2.72 14.67 7.12
CA SER A 373 1.73 14.05 8.01
C SER A 373 1.41 12.63 7.55
N THR A 374 1.28 11.70 8.52
CA THR A 374 0.79 10.33 8.26
C THR A 374 -0.57 10.18 8.89
N SER A 375 -1.38 9.29 8.35
CA SER A 375 -2.82 9.24 8.70
C SER A 375 -3.40 7.85 8.55
N MET A 376 -4.43 7.59 9.34
CA MET A 376 -5.26 6.43 9.16
C MET A 376 -5.93 6.36 7.78
N ASP A 377 -6.05 7.49 7.12
CA ASP A 377 -6.65 7.54 5.78
C ASP A 377 -5.74 7.03 4.69
N ARG A 378 -4.51 6.65 5.05
CA ARG A 378 -3.53 6.00 4.14
C ARG A 378 -2.86 6.92 3.19
N ASP A 379 -3.06 8.22 3.36
CA ASP A 379 -2.32 9.19 2.62
C ASP A 379 -1.21 9.73 3.51
N VAL A 380 -0.06 10.00 2.87
CA VAL A 380 0.97 10.89 3.40
C VAL A 380 0.79 12.23 2.73
N LYS A 381 0.67 13.31 3.52
CA LYS A 381 0.57 14.66 2.92
C LYS A 381 1.75 15.51 3.31
N CYS A 382 2.12 16.42 2.41
CA CYS A 382 3.21 17.34 2.64
C CYS A 382 2.60 18.73 2.63
N TRP A 383 2.78 19.45 3.74
CA TRP A 383 2.22 20.82 3.96
C TRP A 383 3.31 21.84 3.89
N ASP A 384 2.98 23.03 3.35
CA ASP A 384 3.92 24.16 3.44
C ASP A 384 3.50 24.92 4.64
N ILE A 385 4.32 24.95 5.66
CA ILE A 385 3.92 25.62 6.92
C ILE A 385 3.75 27.13 6.75
N ALA A 386 4.49 27.72 5.83
CA ALA A 386 4.37 29.21 5.59
C ALA A 386 3.01 29.63 5.05
N THR A 387 2.29 28.72 4.38
CA THR A 387 0.98 28.96 3.80
C THR A 387 -0.17 28.13 4.34
N LEU A 388 0.18 27.06 5.05
CA LEU A 388 -0.74 26.04 5.54
C LEU A 388 -1.54 25.29 4.45
N GLU A 389 -0.97 25.25 3.25
CA GLU A 389 -1.54 24.55 2.16
C GLU A 389 -0.87 23.20 1.97
N CYS A 390 -1.64 22.28 1.43
CA CYS A 390 -1.15 20.95 1.09
C CYS A 390 -0.41 21.01 -0.24
N SER A 391 0.88 20.72 -0.21
CA SER A 391 1.73 20.71 -1.43
C SER A 391 1.52 19.47 -2.29
N TRP A 392 1.35 18.31 -1.65
CA TRP A 392 1.14 17.04 -2.39
C TRP A 392 0.68 15.93 -1.43
N THR A 393 0.23 14.83 -2.05
CA THR A 393 -0.28 13.68 -1.36
C THR A 393 0.31 12.45 -1.99
N LEU A 394 0.79 11.53 -1.15
CA LEU A 394 1.30 10.22 -1.58
C LEU A 394 0.36 9.12 -0.97
N PRO A 395 -0.39 8.42 -1.80
CA PRO A 395 -1.28 7.38 -1.29
C PRO A 395 -0.50 6.10 -1.01
N SER A 396 -1.14 5.18 -0.27
CA SER A 396 -0.50 3.95 0.15
C SER A 396 -1.52 2.85 0.28
N LEU A 397 -1.02 1.63 0.43
CA LEU A 397 -1.85 0.41 0.43
C LEU A 397 -1.79 -0.33 1.75
N GLY A 398 -2.94 -0.76 2.23
CA GLY A 398 -3.04 -1.46 3.50
C GLY A 398 -3.26 -2.97 3.41
N GLY A 399 -3.05 -3.54 2.23
CA GLY A 399 -3.21 -4.97 2.06
C GLY A 399 -2.51 -5.40 0.80
N PHE A 400 -2.63 -6.69 0.49
CA PHE A 400 -1.97 -7.25 -0.68
C PHE A 400 -2.56 -6.57 -1.89
N ALA A 401 -1.75 -6.40 -2.96
CA ALA A 401 -2.23 -5.93 -4.28
C ALA A 401 -2.54 -7.17 -5.07
N TYR A 402 -3.81 -7.55 -5.08
CA TYR A 402 -4.26 -8.81 -5.65
C TYR A 402 -4.48 -8.74 -7.15
N SER A 403 -4.93 -7.60 -7.64
CA SER A 403 -5.44 -7.48 -9.01
CA SER A 403 -5.46 -7.48 -9.00
C SER A 403 -5.13 -6.12 -9.60
N LEU A 404 -4.76 -6.11 -10.88
CA LEU A 404 -4.52 -4.92 -11.69
C LEU A 404 -5.33 -5.02 -12.94
N ALA A 405 -6.01 -3.91 -13.32
CA ALA A 405 -6.75 -3.88 -14.61
C ALA A 405 -6.65 -2.50 -15.22
N PHE A 406 -6.12 -2.45 -16.43
CA PHE A 406 -6.10 -1.18 -17.20
C PHE A 406 -7.37 -1.05 -18.03
N SER A 407 -7.93 0.13 -18.06
CA SER A 407 -9.14 0.40 -18.85
C SER A 407 -8.79 0.55 -20.33
N SER A 408 -9.57 -0.06 -21.19
CA SER A 408 -9.42 0.15 -22.64
C SER A 408 -10.18 1.38 -23.12
N VAL A 409 -10.99 1.99 -22.26
CA VAL A 409 -11.80 3.14 -22.57
C VAL A 409 -11.06 4.41 -22.21
N ASP A 410 -10.58 4.48 -20.97
CA ASP A 410 -9.83 5.61 -20.45
C ASP A 410 -8.40 5.15 -20.28
N ILE A 411 -7.56 5.47 -21.26
CA ILE A 411 -6.25 4.89 -21.34
C ILE A 411 -5.43 5.29 -20.09
N GLY A 412 -4.75 4.33 -19.55
CA GLY A 412 -3.95 4.55 -18.34
C GLY A 412 -4.69 4.46 -17.03
N SER A 413 -6.01 4.30 -17.06
CA SER A 413 -6.80 4.26 -15.80
C SER A 413 -6.64 2.80 -15.24
N LEU A 414 -5.85 2.68 -14.16
CA LEU A 414 -5.42 1.38 -13.58
C LEU A 414 -6.19 1.13 -12.29
N ALA A 415 -7.07 0.13 -12.30
CA ALA A 415 -7.80 -0.28 -11.11
C ALA A 415 -6.92 -1.29 -10.37
N ILE A 416 -6.92 -1.18 -9.04
CA ILE A 416 -6.10 -2.03 -8.20
C ILE A 416 -7.03 -2.60 -7.15
N GLY A 417 -7.01 -3.94 -7.01
CA GLY A 417 -7.75 -4.62 -5.98
C GLY A 417 -6.84 -4.94 -4.83
N VAL A 418 -7.24 -4.45 -3.66
CA VAL A 418 -6.37 -4.43 -2.47
C VAL A 418 -7.03 -5.14 -1.30
N GLY A 419 -6.20 -5.76 -0.47
CA GLY A 419 -6.74 -6.45 0.69
C GLY A 419 -7.27 -5.61 1.84
N ASP A 420 -7.28 -4.29 1.71
CA ASP A 420 -7.76 -3.38 2.76
C ASP A 420 -9.18 -2.89 2.50
N GLY A 421 -9.87 -3.52 1.57
CA GLY A 421 -11.29 -3.25 1.34
C GLY A 421 -11.60 -1.98 0.54
N MET A 422 -10.59 -1.43 -0.16
CA MET A 422 -10.85 -0.31 -1.03
C MET A 422 -10.25 -0.61 -2.39
N ILE A 423 -11.04 -0.35 -3.42
CA ILE A 423 -10.53 -0.36 -4.79
C ILE A 423 -9.79 0.96 -5.06
N ARG A 424 -8.59 0.88 -5.64
CA ARG A 424 -7.92 2.09 -6.12
C ARG A 424 -8.10 2.25 -7.60
N VAL A 425 -8.27 3.48 -8.05
CA VAL A 425 -8.11 3.83 -9.49
C VAL A 425 -7.00 4.85 -9.63
N TRP A 426 -5.88 4.38 -10.20
CA TRP A 426 -4.71 5.18 -10.48
C TRP A 426 -4.76 5.75 -11.92
N ASN A 427 -4.96 7.10 -12.01
CA ASN A 427 -4.79 7.84 -13.27
C ASN A 427 -3.29 7.95 -13.58
N THR A 428 -2.78 6.87 -14.15
CA THR A 428 -1.34 6.70 -14.32
C THR A 428 -0.74 7.72 -15.28
N LEU A 429 -1.57 8.25 -16.17
CA LEU A 429 -1.07 9.21 -17.17
C LEU A 429 -1.34 10.66 -16.81
N SER A 430 -1.71 10.91 -15.55
CA SER A 430 -1.82 12.24 -15.06
C SER A 430 -0.51 12.99 -15.30
N ILE A 431 -0.61 14.19 -15.87
CA ILE A 431 0.57 14.88 -16.26
C ILE A 431 1.28 15.51 -15.09
N LYS A 432 0.53 16.07 -14.14
CA LYS A 432 1.12 16.86 -13.07
C LYS A 432 1.19 16.07 -11.75
N ASN A 433 0.76 14.79 -11.73
CA ASN A 433 0.72 14.04 -10.45
C ASN A 433 1.11 12.60 -10.76
N ASN A 434 2.21 12.15 -10.17
CA ASN A 434 2.70 10.77 -10.41
C ASN A 434 1.84 9.74 -9.66
N TYR A 435 1.03 10.21 -8.69
CA TYR A 435 0.26 9.32 -7.83
C TYR A 435 -1.16 9.82 -7.72
N ASP A 436 -1.84 10.00 -8.85
CA ASP A 436 -3.22 10.49 -8.85
C ASP A 436 -4.13 9.25 -8.64
N VAL A 437 -4.54 8.99 -7.37
CA VAL A 437 -5.24 7.77 -7.01
C VAL A 437 -6.54 8.13 -6.31
N LYS A 438 -7.66 7.55 -6.75
CA LYS A 438 -8.94 7.74 -6.12
C LYS A 438 -9.31 6.42 -5.43
N ASN A 439 -9.94 6.51 -4.24
CA ASN A 439 -10.34 5.36 -3.46
C ASN A 439 -11.83 5.10 -3.61
N PHE A 440 -12.23 3.84 -3.67
CA PHE A 440 -13.62 3.47 -3.70
C PHE A 440 -13.85 2.41 -2.63
N TRP A 441 -14.65 2.76 -1.63
CA TRP A 441 -14.90 1.90 -0.45
C TRP A 441 -16.32 1.40 -0.34
N GLN A 442 -17.29 2.14 -0.85
CA GLN A 442 -18.71 1.74 -0.73
C GLN A 442 -18.96 0.35 -1.29
N GLY A 443 -19.66 -0.47 -0.52
CA GLY A 443 -20.01 -1.83 -0.94
C GLY A 443 -18.88 -2.83 -1.19
N VAL A 444 -17.65 -2.51 -0.78
CA VAL A 444 -16.52 -3.38 -0.98
C VAL A 444 -16.34 -4.21 0.30
N LYS A 445 -15.80 -3.61 1.37
N LYS A 445 -15.67 -3.58 1.30
CA LYS A 445 -15.89 -4.20 2.76
CA LYS A 445 -15.40 -4.12 2.67
C LYS A 445 -15.27 -5.63 2.87
C LYS A 445 -14.35 -5.25 2.70
N SER A 446 -14.29 -5.91 2.03
N SER A 446 -14.63 -6.32 1.96
CA SER A 446 -13.58 -7.18 2.08
CA SER A 446 -13.77 -7.47 1.88
C SER A 446 -12.48 -7.13 1.04
C SER A 446 -12.53 -7.18 1.04
N LYS A 447 -11.64 -8.14 0.98
CA LYS A 447 -10.44 -8.07 0.12
C LYS A 447 -10.82 -8.19 -1.35
N VAL A 448 -10.31 -7.28 -2.18
CA VAL A 448 -10.70 -7.27 -3.60
C VAL A 448 -9.72 -8.11 -4.39
N THR A 449 -10.14 -9.31 -4.78
CA THR A 449 -9.31 -10.31 -5.34
C THR A 449 -9.36 -10.40 -6.86
N ALA A 450 -10.33 -9.69 -7.45
CA ALA A 450 -10.47 -9.64 -8.90
C ALA A 450 -11.17 -8.38 -9.38
N LEU A 451 -10.75 -7.92 -10.57
CA LEU A 451 -11.24 -6.69 -11.19
C LEU A 451 -11.30 -6.85 -12.65
N CYS A 452 -12.27 -6.22 -13.31
CA CYS A 452 -12.19 -6.15 -14.76
C CYS A 452 -13.05 -4.96 -15.26
N TRP A 453 -12.45 -4.02 -15.96
CA TRP A 453 -13.18 -2.94 -16.59
C TRP A 453 -14.04 -3.52 -17.73
N HIS A 454 -15.20 -2.92 -17.93
CA HIS A 454 -15.98 -3.17 -19.10
C HIS A 454 -15.20 -2.71 -20.33
N PRO A 455 -15.30 -3.46 -21.45
CA PRO A 455 -14.50 -3.07 -22.63
C PRO A 455 -14.90 -1.79 -23.33
N THR A 456 -16.12 -1.35 -23.20
CA THR A 456 -16.57 -0.12 -23.85
C THR A 456 -17.24 0.92 -22.98
N LYS A 457 -17.79 0.55 -21.83
CA LYS A 457 -18.63 1.44 -21.08
C LYS A 457 -17.73 2.19 -20.07
N GLU A 458 -17.58 3.51 -20.26
CA GLU A 458 -16.73 4.29 -19.33
C GLU A 458 -17.21 4.12 -17.88
N GLY A 459 -16.24 4.04 -16.96
CA GLY A 459 -16.59 3.96 -15.56
C GLY A 459 -17.06 2.62 -15.06
N CYS A 460 -17.23 1.64 -15.93
CA CYS A 460 -17.94 0.44 -15.53
C CYS A 460 -16.89 -0.61 -15.12
N LEU A 461 -16.79 -0.82 -13.82
CA LEU A 461 -15.70 -1.69 -13.20
C LEU A 461 -16.33 -2.83 -12.43
N ALA A 462 -16.11 -4.07 -12.87
CA ALA A 462 -16.51 -5.23 -12.10
C ALA A 462 -15.47 -5.53 -11.06
N PHE A 463 -15.91 -5.97 -9.89
CA PHE A 463 -15.01 -6.42 -8.85
C PHE A 463 -15.53 -7.65 -8.17
N GLY A 464 -14.61 -8.39 -7.57
CA GLY A 464 -14.91 -9.58 -6.86
C GLY A 464 -14.08 -9.69 -5.61
N THR A 465 -14.61 -10.37 -4.60
CA THR A 465 -13.95 -10.34 -3.29
C THR A 465 -13.65 -11.71 -2.72
N ASP A 466 -12.90 -11.70 -1.64
CA ASP A 466 -12.43 -12.94 -1.02
CA ASP A 466 -12.44 -12.91 -0.96
C ASP A 466 -13.59 -13.67 -0.32
N ASP A 467 -14.69 -12.98 -0.08
CA ASP A 467 -15.92 -13.62 0.45
C ASP A 467 -16.94 -13.99 -0.63
N GLY A 468 -16.49 -14.06 -1.92
CA GLY A 468 -17.36 -14.54 -3.01
C GLY A 468 -18.31 -13.53 -3.65
N LYS A 469 -18.23 -12.26 -3.21
CA LYS A 469 -19.11 -11.22 -3.70
C LYS A 469 -18.66 -10.71 -5.10
N VAL A 470 -19.64 -10.44 -5.96
CA VAL A 470 -19.43 -9.83 -7.26
C VAL A 470 -20.18 -8.54 -7.31
N GLY A 471 -19.47 -7.45 -7.65
CA GLY A 471 -20.11 -6.16 -7.75
C GLY A 471 -19.74 -5.41 -8.97
N LEU A 472 -20.49 -4.34 -9.21
CA LEU A 472 -20.34 -3.52 -10.39
C LEU A 472 -20.36 -2.03 -10.00
N TYR A 473 -19.21 -1.37 -10.15
CA TYR A 473 -19.04 0.05 -9.86
C TYR A 473 -19.28 0.90 -11.07
N ASP A 474 -19.77 2.12 -10.81
CA ASP A 474 -19.75 3.18 -11.81
C ASP A 474 -18.82 4.23 -11.24
N THR A 475 -17.57 4.20 -11.66
CA THR A 475 -16.56 5.06 -11.04
C THR A 475 -16.71 6.55 -11.45
N TYR A 476 -17.59 6.86 -12.41
CA TYR A 476 -17.87 8.26 -12.79
C TYR A 476 -18.96 8.84 -11.86
N SER A 477 -19.47 8.06 -10.92
CA SER A 477 -20.51 8.49 -9.98
C SER A 477 -20.01 8.37 -8.56
N ASN A 478 -20.80 8.88 -7.62
CA ASN A 478 -20.58 8.72 -6.19
CA ASN A 478 -20.50 8.68 -6.19
C ASN A 478 -21.53 7.68 -5.60
N LYS A 479 -22.19 6.92 -6.47
CA LYS A 479 -23.15 5.91 -6.02
C LYS A 479 -22.45 4.63 -5.51
N PRO A 480 -23.07 3.96 -4.53
CA PRO A 480 -22.54 2.65 -4.15
C PRO A 480 -22.71 1.64 -5.29
N PRO A 481 -21.83 0.63 -5.35
CA PRO A 481 -21.89 -0.35 -6.45
C PRO A 481 -23.14 -1.23 -6.38
N GLN A 482 -23.55 -1.77 -7.52
CA GLN A 482 -24.56 -2.84 -7.55
C GLN A 482 -23.90 -4.16 -7.22
N ILE A 483 -24.54 -4.97 -6.39
CA ILE A 483 -23.99 -6.21 -5.92
C ILE A 483 -24.81 -7.33 -6.48
N SER A 484 -24.13 -8.34 -7.04
CA SER A 484 -24.79 -9.59 -7.46
C SER A 484 -25.47 -10.28 -6.28
N SER A 485 -26.75 -10.66 -6.45
CA SER A 485 -27.47 -11.46 -5.43
CA SER A 485 -27.47 -11.44 -5.43
C SER A 485 -26.88 -12.85 -5.21
N THR A 486 -26.24 -13.38 -6.21
CA THR A 486 -25.58 -14.67 -6.12
C THR A 486 -24.12 -14.47 -5.75
N TYR A 487 -23.69 -15.18 -4.72
CA TYR A 487 -22.32 -15.16 -4.23
C TYR A 487 -21.66 -16.48 -4.60
N HIS A 488 -20.36 -16.44 -4.91
CA HIS A 488 -19.58 -17.65 -4.91
C HIS A 488 -19.36 -18.15 -3.49
N LYS A 489 -19.20 -19.45 -3.33
CA LYS A 489 -18.92 -20.00 -2.00
CA LYS A 489 -18.89 -20.05 -2.02
C LYS A 489 -17.53 -19.63 -1.51
N LYS A 490 -16.58 -19.44 -2.46
CA LYS A 490 -15.21 -19.07 -2.13
C LYS A 490 -14.80 -17.80 -2.85
N THR A 491 -13.54 -17.42 -2.63
CA THR A 491 -12.94 -16.23 -3.26
C THR A 491 -13.21 -16.11 -4.75
N VAL A 492 -13.47 -14.90 -5.23
CA VAL A 492 -13.60 -14.68 -6.66
C VAL A 492 -12.18 -14.55 -7.24
N TYR A 493 -11.77 -15.50 -8.08
CA TYR A 493 -10.40 -15.46 -8.67
C TYR A 493 -10.34 -14.60 -9.88
N THR A 494 -11.41 -14.55 -10.68
CA THR A 494 -11.31 -13.89 -11.97
C THR A 494 -12.63 -13.39 -12.41
N LEU A 495 -12.60 -12.23 -13.10
CA LEU A 495 -13.80 -11.68 -13.76
C LEU A 495 -13.44 -11.42 -15.21
N ALA A 496 -14.39 -11.64 -16.12
CA ALA A 496 -14.17 -11.37 -17.55
C ALA A 496 -15.50 -11.04 -18.20
N TRP A 497 -15.45 -10.15 -19.20
CA TRP A 497 -16.64 -9.80 -19.94
C TRP A 497 -16.62 -10.60 -21.23
N GLY A 498 -17.78 -11.11 -21.62
CA GLY A 498 -17.90 -11.85 -22.91
C GLY A 498 -19.34 -11.83 -23.40
N PRO A 499 -19.57 -12.33 -24.59
CA PRO A 499 -20.94 -12.40 -25.07
C PRO A 499 -21.78 -13.27 -24.14
N PRO A 500 -23.07 -12.94 -23.98
CA PRO A 500 -23.98 -13.80 -23.23
C PRO A 500 -24.14 -15.14 -23.96
N VAL A 501 -24.43 -16.16 -23.18
CA VAL A 501 -24.71 -17.50 -23.67
C VAL A 501 -25.99 -17.96 -23.04
N PRO A 502 -26.58 -19.06 -23.55
CA PRO A 502 -27.83 -19.46 -22.90
C PRO A 502 -27.69 -19.82 -21.46
N PRO A 503 -28.71 -19.57 -20.63
CA PRO A 503 -30.07 -19.10 -21.04
C PRO A 503 -30.19 -17.58 -21.23
N MET A 504 -29.18 -16.81 -20.79
CA MET A 504 -29.28 -15.32 -20.82
C MET A 504 -29.45 -14.72 -22.21
N SER A 505 -28.81 -15.32 -23.19
CA SER A 505 -28.75 -14.82 -24.55
C SER A 505 -30.06 -15.08 -25.32
N LEU A 506 -30.93 -15.89 -24.72
CA LEU A 506 -32.18 -16.28 -25.34
C LEU A 506 -33.35 -15.39 -24.91
N GLY A 507 -33.22 -14.74 -23.72
CA GLY A 507 -34.23 -13.79 -23.17
C GLY A 507 -34.62 -12.61 -24.08
N GLY A 508 -35.63 -11.82 -23.63
CA GLY A 508 -36.07 -10.63 -24.34
CA ARG A 512 -30.18 -8.51 -22.94
C ARG A 512 -29.08 -7.51 -23.34
N PRO A 513 -28.04 -7.36 -22.49
CA PRO A 513 -26.95 -6.39 -22.73
C PRO A 513 -25.93 -6.91 -23.77
N SER A 514 -25.06 -6.05 -24.29
CA SER A 514 -24.06 -6.49 -25.26
C SER A 514 -23.15 -7.61 -24.65
N LEU A 515 -22.73 -7.43 -23.39
CA LEU A 515 -21.80 -8.35 -22.75
C LEU A 515 -22.27 -8.80 -21.38
N ALA A 516 -22.15 -10.09 -21.14
CA ALA A 516 -22.34 -10.65 -19.86
C ALA A 516 -21.04 -10.51 -19.02
N LEU A 517 -21.22 -10.55 -17.72
CA LEU A 517 -20.08 -10.55 -16.78
C LEU A 517 -19.91 -12.02 -16.31
N TYR A 518 -18.71 -12.58 -16.48
CA TYR A 518 -18.43 -13.94 -15.99
C TYR A 518 -17.56 -13.86 -14.76
N SER A 519 -17.84 -14.67 -13.75
CA SER A 519 -17.02 -14.71 -12.52
C SER A 519 -16.68 -16.16 -12.17
N CYS A 520 -15.46 -16.37 -11.73
CA CYS A 520 -14.98 -17.69 -11.37
C CYS A 520 -14.59 -17.66 -9.92
N GLY A 521 -15.18 -18.53 -9.14
CA GLY A 521 -14.86 -18.65 -7.68
C GLY A 521 -13.94 -19.84 -7.36
N GLY A 522 -13.29 -19.78 -6.21
CA GLY A 522 -12.38 -20.87 -5.84
C GLY A 522 -13.05 -22.21 -5.67
N GLU A 523 -14.36 -22.24 -5.49
CA GLU A 523 -15.10 -23.53 -5.43
C GLU A 523 -15.21 -24.19 -6.81
N GLY A 524 -14.96 -23.43 -7.87
CA GLY A 524 -14.92 -23.99 -9.19
C GLY A 524 -16.04 -23.73 -10.13
N ILE A 525 -16.97 -22.85 -9.74
CA ILE A 525 -18.10 -22.49 -10.57
C ILE A 525 -17.80 -21.18 -11.29
N VAL A 526 -18.17 -21.12 -12.55
CA VAL A 526 -18.23 -19.92 -13.34
C VAL A 526 -19.67 -19.54 -13.50
N LEU A 527 -20.00 -18.32 -13.04
CA LEU A 527 -21.30 -17.74 -13.18
C LEU A 527 -21.36 -16.72 -14.28
N GLN A 528 -22.49 -16.68 -14.96
CA GLN A 528 -22.80 -15.68 -15.95
C GLN A 528 -23.79 -14.69 -15.30
N HIS A 529 -23.43 -13.41 -15.20
CA HIS A 529 -24.24 -12.39 -14.60
C HIS A 529 -24.75 -11.43 -15.69
N ASN A 530 -25.99 -10.99 -15.53
CA ASN A 530 -26.56 -9.97 -16.38
C ASN A 530 -26.27 -8.65 -15.70
N PRO A 531 -25.40 -7.83 -16.28
CA PRO A 531 -25.11 -6.57 -15.59
C PRO A 531 -26.32 -5.58 -15.50
N TRP A 532 -27.42 -5.81 -16.26
CA TRP A 532 -28.65 -5.01 -16.15
C TRP A 532 -29.66 -5.59 -15.20
N LYS A 533 -29.37 -6.78 -14.65
CA LYS A 533 -30.19 -7.43 -13.64
C LYS A 533 -29.31 -8.16 -12.63
N LEU A 534 -28.43 -7.42 -11.97
CA LEU A 534 -27.49 -8.08 -11.02
C LEU A 534 -28.11 -8.65 -9.78
N SER A 535 -29.24 -8.10 -9.38
CA SER A 535 -29.98 -8.64 -8.27
C SER A 535 -30.86 -9.84 -8.69
N GLY A 536 -31.00 -10.03 -10.01
CA GLY A 536 -31.61 -11.22 -10.57
C GLY A 536 -30.74 -12.47 -10.54
N GLU A 537 -31.14 -13.42 -11.37
CA GLU A 537 -30.54 -14.73 -11.41
C GLU A 537 -29.20 -14.65 -12.15
N ALA A 538 -28.18 -15.30 -11.59
CA ALA A 538 -26.90 -15.58 -12.30
C ALA A 538 -26.92 -17.05 -12.63
N PHE A 539 -26.30 -17.40 -13.73
CA PHE A 539 -26.39 -18.77 -14.29
C PHE A 539 -25.05 -19.51 -14.19
N ASP A 540 -25.09 -20.75 -13.68
CA ASP A 540 -23.90 -21.60 -13.62
C ASP A 540 -23.70 -22.18 -15.01
N ILE A 541 -22.62 -21.81 -15.69
CA ILE A 541 -22.44 -22.17 -17.08
C ILE A 541 -22.20 -23.69 -17.30
N ASN A 542 -21.87 -24.39 -16.25
CA ASN A 542 -21.74 -25.85 -16.36
C ASN A 542 -23.01 -26.51 -16.89
N LYS A 543 -24.18 -25.97 -16.56
CA LYS A 543 -25.44 -26.54 -17.06
C LYS A 543 -25.45 -26.50 -18.58
N LEU A 544 -25.04 -25.38 -19.17
CA LEU A 544 -24.90 -25.26 -20.62
C LEU A 544 -23.78 -26.15 -21.21
N ILE A 545 -22.63 -26.18 -20.54
CA ILE A 545 -21.48 -26.96 -21.02
C ILE A 545 -21.89 -28.45 -21.10
N ARG A 546 -22.52 -28.93 -20.03
CA ARG A 546 -23.00 -30.31 -19.93
CA ARG A 546 -23.00 -30.32 -19.92
C ARG A 546 -23.97 -30.64 -21.06
N ASP A 547 -24.96 -29.76 -21.25
CA ASP A 547 -25.99 -30.02 -22.25
CA ASP A 547 -26.01 -29.98 -22.24
C ASP A 547 -25.46 -29.96 -23.66
N THR A 548 -24.69 -28.93 -24.00
CA THR A 548 -24.16 -28.79 -25.33
C THR A 548 -23.23 -29.95 -25.75
N ASN A 549 -22.45 -30.42 -24.80
CA ASN A 549 -21.43 -31.43 -25.08
C ASN A 549 -21.79 -32.85 -24.67
N SER A 550 -22.99 -33.05 -24.12
CA SER A 550 -23.55 -34.37 -23.78
C SER A 550 -22.67 -35.08 -22.73
N ILE A 551 -22.20 -34.30 -21.76
CA ILE A 551 -21.29 -34.80 -20.75
C ILE A 551 -22.03 -35.59 -19.69
N LYS A 552 -21.49 -36.75 -19.30
CA LYS A 552 -22.11 -37.58 -18.27
C LYS A 552 -21.42 -37.57 -16.91
N TYR A 553 -20.10 -37.47 -16.91
CA TYR A 553 -19.30 -37.52 -15.68
C TYR A 553 -19.28 -36.09 -15.12
N LYS A 554 -18.81 -35.94 -13.92
CA LYS A 554 -18.70 -34.60 -13.30
C LYS A 554 -17.82 -33.67 -14.09
N LEU A 555 -18.15 -32.38 -14.06
CA LEU A 555 -17.35 -31.40 -14.78
C LEU A 555 -16.16 -30.96 -13.91
N PRO A 556 -15.06 -30.55 -14.55
CA PRO A 556 -13.90 -30.09 -13.78
C PRO A 556 -14.21 -28.83 -12.98
N VAL A 557 -13.44 -28.67 -11.91
CA VAL A 557 -13.45 -27.50 -11.02
C VAL A 557 -12.70 -26.40 -11.75
N HIS A 558 -13.40 -25.34 -12.15
CA HIS A 558 -12.80 -24.27 -12.94
C HIS A 558 -12.07 -23.29 -12.03
N THR A 559 -10.83 -22.95 -12.41
CA THR A 559 -10.00 -22.03 -11.64
C THR A 559 -9.60 -20.77 -12.40
N GLU A 560 -9.94 -20.68 -13.69
CA GLU A 560 -9.57 -19.49 -14.48
C GLU A 560 -10.51 -19.42 -15.66
N ILE A 561 -10.81 -18.20 -16.09
CA ILE A 561 -11.58 -18.01 -17.35
C ILE A 561 -10.91 -16.90 -18.13
N SER A 562 -10.81 -17.08 -19.44
CA SER A 562 -10.23 -16.09 -20.30
C SER A 562 -10.89 -16.13 -21.68
N TRP A 563 -11.54 -15.02 -22.06
CA TRP A 563 -12.12 -14.87 -23.41
C TRP A 563 -11.09 -14.40 -24.37
N LYS A 564 -11.09 -14.98 -25.56
CA LYS A 564 -10.24 -14.54 -26.62
C LYS A 564 -10.75 -13.16 -27.01
N ALA A 565 -9.86 -12.34 -27.57
CA ALA A 565 -10.12 -10.91 -27.82
C ALA A 565 -11.31 -10.74 -28.79
N ASP A 566 -11.47 -11.68 -29.71
CA ASP A 566 -12.57 -11.58 -30.69
C ASP A 566 -13.95 -11.95 -30.13
N GLY A 567 -14.03 -12.42 -28.86
CA GLY A 567 -15.28 -12.78 -28.27
C GLY A 567 -15.95 -14.06 -28.76
N LYS A 568 -15.19 -14.88 -29.49
CA LYS A 568 -15.73 -16.11 -30.10
C LYS A 568 -15.36 -17.39 -29.38
N ILE A 569 -14.34 -17.29 -28.50
CA ILE A 569 -13.74 -18.46 -27.83
C ILE A 569 -13.53 -18.14 -26.37
N MET A 570 -13.94 -19.07 -25.49
CA MET A 570 -13.76 -18.97 -24.04
C MET A 570 -12.83 -20.08 -23.60
N ALA A 571 -11.78 -19.75 -22.87
CA ALA A 571 -10.92 -20.81 -22.27
C ALA A 571 -11.24 -20.89 -20.80
N LEU A 572 -11.37 -22.12 -20.27
CA LEU A 572 -11.43 -22.39 -18.84
C LEU A 572 -10.20 -23.15 -18.41
N GLY A 573 -9.55 -22.65 -17.38
CA GLY A 573 -8.51 -23.36 -16.71
C GLY A 573 -9.10 -24.09 -15.53
N ASN A 574 -8.59 -25.30 -15.25
CA ASN A 574 -9.14 -26.17 -14.22
C ASN A 574 -8.14 -26.61 -13.12
N GLU A 575 -8.72 -27.11 -12.02
CA GLU A 575 -7.95 -27.53 -10.84
C GLU A 575 -7.01 -28.67 -11.19
N ASP A 576 -7.41 -29.50 -12.15
CA ASP A 576 -6.57 -30.63 -12.58
C ASP A 576 -5.50 -30.28 -13.60
N GLY A 577 -5.36 -28.98 -13.92
CA GLY A 577 -4.39 -28.54 -14.87
C GLY A 577 -4.81 -28.40 -16.30
N SER A 578 -5.92 -29.03 -16.67
CA SER A 578 -6.41 -28.94 -18.05
C SER A 578 -6.92 -27.50 -18.35
N ILE A 579 -6.85 -27.17 -19.63
CA ILE A 579 -7.45 -25.96 -20.17
C ILE A 579 -8.39 -26.42 -21.27
N GLU A 580 -9.65 -25.94 -21.20
CA GLU A 580 -10.65 -26.32 -22.17
C GLU A 580 -11.04 -25.11 -22.97
N ILE A 581 -11.23 -25.32 -24.27
CA ILE A 581 -11.52 -24.31 -25.25
C ILE A 581 -12.92 -24.49 -25.81
N PHE A 582 -13.75 -23.46 -25.69
CA PHE A 582 -15.18 -23.53 -26.01
C PHE A 582 -15.54 -22.45 -27.02
N GLN A 583 -16.50 -22.75 -27.89
CA GLN A 583 -16.92 -21.84 -28.95
C GLN A 583 -18.32 -21.30 -28.66
N ILE A 584 -18.56 -20.03 -29.05
CA ILE A 584 -19.91 -19.49 -29.09
C ILE A 584 -20.72 -20.23 -30.18
N PRO A 585 -22.05 -20.24 -30.12
CA PRO A 585 -22.88 -19.59 -29.13
C PRO A 585 -23.20 -20.39 -27.87
N ASN A 586 -22.97 -21.70 -27.87
CA ASN A 586 -23.46 -22.56 -26.84
C ASN A 586 -22.37 -23.25 -26.02
N LEU A 587 -21.13 -22.78 -26.15
CA LEU A 587 -19.98 -23.36 -25.43
C LEU A 587 -19.74 -24.82 -25.83
N LYS A 588 -19.69 -25.06 -27.13
CA LYS A 588 -19.23 -26.31 -27.69
C LYS A 588 -17.75 -26.47 -27.43
N LEU A 589 -17.37 -27.58 -26.80
CA LEU A 589 -15.97 -27.91 -26.55
C LEU A 589 -15.28 -28.27 -27.84
N ILE A 590 -14.23 -27.55 -28.19
CA ILE A 590 -13.42 -27.92 -29.37
C ILE A 590 -12.04 -28.42 -29.08
N CYS A 591 -11.47 -28.11 -27.93
CA CYS A 591 -10.10 -28.52 -27.62
C CYS A 591 -9.90 -28.62 -26.12
N THR A 592 -9.13 -29.64 -25.69
CA THR A 592 -8.69 -29.80 -24.33
C THR A 592 -7.17 -29.84 -24.36
N ILE A 593 -6.55 -28.94 -23.63
CA ILE A 593 -5.11 -28.87 -23.56
C ILE A 593 -4.67 -29.49 -22.25
N GLN A 594 -3.89 -30.59 -22.33
CA GLN A 594 -3.38 -31.31 -21.17
CA GLN A 594 -3.37 -31.27 -21.12
C GLN A 594 -1.88 -31.05 -21.11
N GLN A 595 -1.47 -30.07 -20.32
CA GLN A 595 -0.08 -29.67 -20.24
C GLN A 595 0.33 -29.43 -18.82
N HIS A 596 -0.43 -28.63 -18.07
CA HIS A 596 -0.12 -28.34 -16.71
C HIS A 596 -0.52 -29.51 -15.86
N HIS A 597 0.24 -29.76 -14.81
CA HIS A 597 -0.04 -30.88 -13.91
C HIS A 597 -0.54 -30.39 -12.54
N LYS A 598 -0.81 -29.09 -12.43
CA LYS A 598 -1.39 -28.52 -11.21
C LYS A 598 -2.38 -27.43 -11.64
N LEU A 599 -3.12 -26.93 -10.68
CA LEU A 599 -4.24 -26.02 -10.86
C LEU A 599 -3.83 -24.80 -11.74
N VAL A 600 -4.67 -24.45 -12.71
CA VAL A 600 -4.40 -23.32 -13.57
C VAL A 600 -4.78 -21.97 -12.94
N ASN A 601 -3.83 -21.05 -12.84
CA ASN A 601 -4.10 -19.74 -12.24
C ASN A 601 -4.39 -18.65 -13.24
N THR A 602 -3.80 -18.74 -14.42
CA THR A 602 -3.80 -17.57 -15.31
C THR A 602 -3.74 -17.99 -16.74
N ILE A 603 -4.59 -17.38 -17.57
CA ILE A 603 -4.58 -17.65 -18.99
C ILE A 603 -4.61 -16.26 -19.66
N SER A 604 -3.80 -16.05 -20.68
CA SER A 604 -3.90 -14.81 -21.48
C SER A 604 -3.77 -15.09 -22.95
N TRP A 605 -4.71 -14.54 -23.74
CA TRP A 605 -4.63 -14.57 -25.21
C TRP A 605 -3.89 -13.37 -25.76
N HIS A 606 -3.05 -13.61 -26.75
CA HIS A 606 -2.29 -12.56 -27.36
C HIS A 606 -3.29 -11.58 -28.10
N HIS A 607 -2.88 -10.32 -28.18
CA HIS A 607 -3.67 -9.29 -28.84
C HIS A 607 -3.68 -9.51 -30.33
N GLU A 608 -4.63 -8.80 -30.95
CA GLU A 608 -4.87 -8.88 -32.39
C GLU A 608 -4.22 -7.77 -33.18
N HIS A 609 -3.47 -6.88 -32.55
CA HIS A 609 -2.80 -5.77 -33.28
C HIS A 609 -1.29 -5.95 -33.54
N GLY A 610 -0.83 -7.20 -33.57
CA GLY A 610 0.54 -7.52 -33.88
C GLY A 610 0.81 -7.41 -35.37
N SER A 611 2.02 -7.81 -35.77
CA SER A 611 2.47 -7.70 -37.15
C SER A 611 1.95 -8.86 -37.99
N GLN A 612 1.66 -9.98 -37.35
CA GLN A 612 1.03 -11.12 -38.00
C GLN A 612 -0.33 -11.34 -37.30
N PRO A 613 -1.44 -11.47 -38.06
CA PRO A 613 -2.70 -11.83 -37.39
C PRO A 613 -2.77 -13.25 -36.76
N GLU A 614 -1.90 -14.20 -37.17
CA GLU A 614 -1.76 -15.54 -36.52
C GLU A 614 -1.43 -15.47 -34.97
N LEU A 615 -0.81 -14.37 -34.54
CA LEU A 615 -0.45 -14.20 -33.13
C LEU A 615 -1.62 -14.17 -32.22
N SER A 616 -2.79 -13.73 -32.70
CA SER A 616 -4.01 -13.70 -31.86
C SER A 616 -4.54 -15.09 -31.49
N TYR A 617 -3.95 -16.17 -32.03
CA TYR A 617 -4.29 -17.48 -31.60
C TYR A 617 -3.36 -18.03 -30.50
N LEU A 618 -2.40 -17.22 -30.02
CA LEU A 618 -1.46 -17.69 -29.02
C LEU A 618 -2.07 -17.48 -27.63
N MET A 619 -1.97 -18.51 -26.80
CA MET A 619 -2.52 -18.49 -25.46
C MET A 619 -1.42 -18.90 -24.52
N ALA A 620 -1.11 -18.02 -23.53
CA ALA A 620 -0.14 -18.32 -22.49
C ALA A 620 -0.88 -18.73 -21.25
N SER A 621 -0.26 -19.63 -20.44
CA SER A 621 -0.91 -20.06 -19.23
C SER A 621 0.10 -20.44 -18.17
N GLY A 622 -0.31 -20.18 -16.92
CA GLY A 622 0.48 -20.49 -15.74
C GLY A 622 -0.34 -21.23 -14.72
N SER A 623 0.35 -22.10 -13.96
CA SER A 623 -0.28 -22.97 -12.97
C SER A 623 0.48 -22.84 -11.64
N ASN A 624 0.18 -23.74 -10.71
CA ASN A 624 0.91 -23.79 -9.45
C ASN A 624 2.30 -24.42 -9.60
N ASN A 625 2.63 -24.98 -10.76
CA ASN A 625 4.02 -25.28 -11.10
C ASN A 625 4.67 -24.05 -11.68
N ALA A 626 6.00 -24.06 -11.77
CA ALA A 626 6.77 -22.89 -12.23
C ALA A 626 6.84 -22.72 -13.74
N VAL A 627 6.70 -23.80 -14.49
CA VAL A 627 6.93 -23.74 -15.92
C VAL A 627 5.67 -23.16 -16.63
N ILE A 628 5.91 -22.23 -17.54
CA ILE A 628 4.82 -21.54 -18.29
C ILE A 628 4.74 -22.17 -19.66
N TYR A 629 3.52 -22.29 -20.20
CA TYR A 629 3.34 -22.79 -21.55
C TYR A 629 2.63 -21.81 -22.43
N VAL A 630 2.97 -21.88 -23.72
CA VAL A 630 2.21 -21.17 -24.76
C VAL A 630 1.66 -22.26 -25.72
N HIS A 631 0.41 -22.09 -26.14
CA HIS A 631 -0.22 -22.96 -27.12
C HIS A 631 -0.71 -22.12 -28.25
N ASN A 632 -0.61 -22.68 -29.46
CA ASN A 632 -1.07 -22.02 -30.67
C ASN A 632 -2.33 -22.73 -31.08
N LEU A 633 -3.45 -22.05 -31.01
CA LEU A 633 -4.75 -22.66 -31.25
C LEU A 633 -5.34 -22.38 -32.67
N LYS A 634 -4.50 -21.83 -33.55
CA LYS A 634 -4.91 -21.52 -34.92
C LYS A 634 -5.53 -22.75 -35.61
N THR A 635 -4.79 -23.85 -35.65
CA THR A 635 -5.25 -25.02 -36.38
C THR A 635 -6.58 -25.51 -35.89
N VAL A 636 -6.69 -25.72 -34.57
CA VAL A 636 -7.94 -26.25 -34.01
C VAL A 636 -9.13 -25.28 -34.15
N ILE A 637 -8.92 -23.99 -33.92
CA ILE A 637 -10.04 -23.07 -33.98
C ILE A 637 -10.51 -22.90 -35.46
N GLU A 638 -9.59 -22.88 -36.41
CA GLU A 638 -9.97 -22.74 -37.85
C GLU A 638 -10.65 -24.01 -38.42
N SER A 639 -10.29 -25.17 -37.91
CA SER A 639 -10.90 -26.42 -38.38
C SER A 639 -12.31 -26.63 -37.81
N SER A 640 -12.64 -25.90 -36.75
CA SER A 640 -13.95 -25.96 -36.12
C SER A 640 -14.45 -27.42 -36.03
N PRO A 641 -13.71 -28.29 -35.28
CA PRO A 641 -13.98 -29.74 -35.30
C PRO A 641 -15.28 -30.14 -34.60
N GLU A 642 -15.92 -31.20 -35.15
CA GLU A 642 -17.24 -31.65 -34.66
C GLU A 642 -17.11 -32.45 -33.37
N SER A 643 -15.96 -33.10 -33.21
CA SER A 643 -15.57 -33.69 -31.96
C SER A 643 -14.24 -33.04 -31.49
N PRO A 644 -14.09 -32.85 -30.19
CA PRO A 644 -12.94 -32.07 -29.67
C PRO A 644 -11.53 -32.72 -29.80
N VAL A 645 -10.51 -31.89 -30.03
CA VAL A 645 -9.11 -32.32 -30.22
C VAL A 645 -8.48 -32.26 -28.86
N THR A 646 -7.52 -33.14 -28.61
CA THR A 646 -6.69 -33.03 -27.36
C THR A 646 -5.30 -32.64 -27.76
N ILE A 647 -4.77 -31.58 -27.12
CA ILE A 647 -3.39 -31.15 -27.34
C ILE A 647 -2.60 -31.54 -26.12
N THR A 648 -1.43 -32.15 -26.35
CA THR A 648 -0.56 -32.60 -25.26
C THR A 648 0.89 -32.15 -25.39
N GLU A 649 1.20 -31.32 -26.38
CA GLU A 649 2.53 -30.73 -26.53
CA GLU A 649 2.54 -30.72 -26.59
C GLU A 649 2.41 -29.20 -26.66
N PRO A 650 3.35 -28.48 -26.06
CA PRO A 650 3.23 -27.02 -26.10
C PRO A 650 3.76 -26.45 -27.37
N TYR A 651 3.27 -25.27 -27.73
CA TYR A 651 3.89 -24.52 -28.80
C TYR A 651 5.25 -23.95 -28.36
N ARG A 652 5.30 -23.40 -27.15
CA ARG A 652 6.52 -22.93 -26.54
C ARG A 652 6.50 -23.22 -25.04
N THR A 653 7.68 -23.37 -24.48
CA THR A 653 7.88 -23.63 -23.06
C THR A 653 8.78 -22.58 -22.45
N LEU A 654 8.35 -21.99 -21.35
CA LEU A 654 9.10 -20.93 -20.68
C LEU A 654 9.45 -21.33 -19.26
N SER A 655 10.69 -21.79 -19.09
CA SER A 655 11.18 -22.30 -17.80
CA SER A 655 11.16 -22.29 -17.79
C SER A 655 12.16 -21.33 -17.20
N GLY A 656 12.12 -21.20 -15.89
CA GLY A 656 13.03 -20.32 -15.17
C GLY A 656 12.54 -19.90 -13.81
N HIS A 657 11.22 -19.67 -13.68
CA HIS A 657 10.68 -19.37 -12.33
C HIS A 657 10.89 -20.58 -11.44
N THR A 658 10.80 -20.36 -10.12
CA THR A 658 10.99 -21.44 -9.15
C THR A 658 9.82 -21.65 -8.22
N ALA A 659 8.68 -21.00 -8.49
CA ALA A 659 7.48 -21.16 -7.72
C ALA A 659 6.27 -20.79 -8.60
N LYS A 660 5.09 -20.97 -8.03
CA LYS A 660 3.85 -20.85 -8.77
C LYS A 660 3.72 -19.58 -9.57
N ILE A 661 2.98 -19.68 -10.63
CA ILE A 661 2.76 -18.52 -11.54
C ILE A 661 1.35 -18.00 -11.30
N THR A 662 1.25 -16.75 -10.88
CA THR A 662 -0.02 -16.15 -10.50
C THR A 662 -0.67 -15.35 -11.64
N SER A 663 0.15 -14.84 -12.54
CA SER A 663 -0.39 -13.96 -13.62
C SER A 663 0.56 -13.92 -14.80
N VAL A 664 0.00 -14.00 -16.02
CA VAL A 664 0.78 -13.76 -17.23
C VAL A 664 0.04 -12.74 -18.08
N ALA A 665 0.81 -11.97 -18.84
CA ALA A 665 0.22 -10.95 -19.71
C ALA A 665 1.11 -10.69 -20.90
N TRP A 666 0.49 -10.51 -22.06
CA TRP A 666 1.21 -10.15 -23.28
C TRP A 666 1.36 -8.64 -23.45
N SER A 667 2.51 -8.24 -23.98
CA SER A 667 2.77 -6.84 -24.26
C SER A 667 1.89 -6.43 -25.46
N PRO A 668 1.13 -5.36 -25.32
CA PRO A 668 0.42 -4.80 -26.48
C PRO A 668 1.34 -4.17 -27.55
N HIS A 669 2.61 -3.97 -27.21
CA HIS A 669 3.59 -3.21 -28.01
C HIS A 669 4.45 -4.10 -28.82
N HIS A 670 4.31 -5.41 -28.66
CA HIS A 670 5.25 -6.34 -29.24
C HIS A 670 4.56 -7.56 -29.83
N ASP A 671 5.31 -8.32 -30.61
CA ASP A 671 4.86 -9.64 -31.03
C ASP A 671 5.45 -10.67 -30.07
N GLY A 672 4.59 -11.35 -29.34
CA GLY A 672 5.02 -12.51 -28.59
C GLY A 672 5.90 -12.24 -27.39
N ARG A 673 5.76 -11.06 -26.78
CA ARG A 673 6.50 -10.74 -25.58
C ARG A 673 5.56 -10.90 -24.35
N LEU A 674 5.97 -11.74 -23.39
CA LEU A 674 5.16 -12.04 -22.22
C LEU A 674 5.82 -11.59 -20.95
N VAL A 675 5.01 -11.18 -19.98
CA VAL A 675 5.51 -11.02 -18.61
C VAL A 675 4.75 -11.97 -17.71
N SER A 676 5.46 -12.53 -16.73
CA SER A 676 4.90 -13.42 -15.77
C SER A 676 5.26 -12.97 -14.35
N ALA A 677 4.31 -13.20 -13.45
CA ALA A 677 4.45 -12.91 -12.01
C ALA A 677 4.45 -14.20 -11.26
N SER A 678 5.34 -14.33 -10.24
CA SER A 678 5.49 -15.58 -9.53
C SER A 678 5.61 -15.41 -8.02
N TYR A 679 5.19 -16.44 -7.33
CA TYR A 679 5.52 -16.64 -5.92
C TYR A 679 6.99 -16.67 -5.60
N ASP A 680 7.86 -16.85 -6.58
CA ASP A 680 9.29 -16.70 -6.33
C ASP A 680 9.77 -15.27 -6.07
N GLY A 681 8.85 -14.29 -6.09
CA GLY A 681 9.17 -12.94 -5.79
C GLY A 681 9.68 -12.09 -6.91
N THR A 682 9.61 -12.62 -8.14
CA THR A 682 10.06 -11.95 -9.33
C THR A 682 8.97 -11.86 -10.40
N ALA A 683 9.14 -10.90 -11.27
CA ALA A 683 8.42 -10.88 -12.55
C ALA A 683 9.42 -11.12 -13.65
N GLN A 684 9.05 -11.88 -14.65
CA GLN A 684 9.93 -12.22 -15.76
C GLN A 684 9.34 -11.80 -17.08
N VAL A 685 10.15 -11.11 -17.87
CA VAL A 685 9.79 -10.79 -19.25
C VAL A 685 10.45 -11.79 -20.20
N TRP A 686 9.67 -12.31 -21.14
CA TRP A 686 10.14 -13.32 -22.03
C TRP A 686 9.89 -12.90 -23.49
N ASP A 687 10.81 -13.29 -24.38
CA ASP A 687 10.50 -13.38 -25.84
C ASP A 687 9.94 -14.75 -26.00
N ALA A 688 8.61 -14.85 -25.93
CA ALA A 688 7.98 -16.16 -25.86
C ALA A 688 8.22 -17.01 -27.13
N LEU A 689 8.19 -16.35 -28.28
CA LEU A 689 8.38 -17.02 -29.56
C LEU A 689 9.78 -17.63 -29.72
N ARG A 690 10.79 -17.05 -29.08
CA ARG A 690 12.15 -17.67 -29.02
C ARG A 690 12.53 -18.35 -27.73
N GLU A 691 11.59 -18.52 -26.80
CA GLU A 691 11.88 -19.06 -25.46
C GLU A 691 13.11 -18.44 -24.78
N GLU A 692 13.28 -17.13 -24.92
CA GLU A 692 14.39 -16.40 -24.36
C GLU A 692 13.90 -15.55 -23.15
N PRO A 693 14.45 -15.78 -21.97
CA PRO A 693 14.23 -14.81 -20.87
C PRO A 693 14.96 -13.52 -21.17
N LEU A 694 14.28 -12.39 -20.98
CA LEU A 694 14.87 -11.07 -21.24
C LEU A 694 15.23 -10.30 -19.98
N CYS A 695 14.28 -10.15 -19.04
CA CYS A 695 14.63 -9.52 -17.78
C CYS A 695 13.78 -9.93 -16.64
N ASN A 696 14.35 -9.78 -15.46
CA ASN A 696 13.79 -10.29 -14.24
C ASN A 696 13.74 -9.15 -13.23
N PHE A 697 12.54 -8.73 -12.87
CA PHE A 697 12.35 -7.65 -11.87
C PHE A 697 12.27 -8.23 -10.47
N ARG A 698 13.14 -7.72 -9.60
CA ARG A 698 13.31 -8.26 -8.26
C ARG A 698 12.97 -7.24 -7.19
N GLY A 699 12.31 -6.15 -7.54
CA GLY A 699 12.03 -5.07 -6.60
C GLY A 699 11.04 -5.40 -5.48
N HIS A 700 10.20 -6.44 -5.65
CA HIS A 700 9.23 -6.77 -4.63
C HIS A 700 9.91 -7.56 -3.55
N GLN A 701 9.41 -7.45 -2.34
N GLN A 701 9.37 -7.46 -2.33
CA GLN A 701 9.85 -8.30 -1.25
CA GLN A 701 9.75 -8.27 -1.14
C GLN A 701 8.92 -9.49 -1.11
C GLN A 701 8.62 -9.15 -0.77
N GLY A 702 7.70 -9.37 -1.64
N GLY A 702 8.06 -9.81 -1.74
CA GLY A 702 6.72 -10.42 -1.53
CA GLY A 702 6.88 -10.56 -1.50
C GLY A 702 6.59 -11.38 -2.72
N ARG A 703 5.54 -12.17 -2.61
CA ARG A 703 5.10 -13.02 -3.68
CA ARG A 703 5.01 -13.06 -3.68
C ARG A 703 4.20 -12.19 -4.61
N LEU A 704 4.52 -12.19 -5.90
CA LEU A 704 3.75 -11.37 -6.86
C LEU A 704 2.45 -12.01 -7.17
N LEU A 705 1.40 -11.17 -7.26
CA LEU A 705 0.05 -11.66 -7.47
C LEU A 705 -0.55 -11.20 -8.79
N CYS A 706 0.04 -10.18 -9.38
CA CYS A 706 -0.54 -9.56 -10.61
C CYS A 706 0.48 -8.77 -11.34
N VAL A 707 0.31 -8.69 -12.68
CA VAL A 707 1.20 -7.90 -13.48
C VAL A 707 0.37 -7.36 -14.66
N ALA A 708 0.73 -6.18 -15.13
CA ALA A 708 0.04 -5.57 -16.31
C ALA A 708 1.03 -4.69 -17.05
N TRP A 709 1.10 -4.81 -18.37
CA TRP A 709 1.90 -3.91 -19.20
CA TRP A 709 1.92 -3.91 -19.16
C TRP A 709 1.32 -2.50 -19.23
N SER A 710 2.17 -1.49 -19.21
CA SER A 710 1.66 -0.09 -19.37
C SER A 710 1.04 0.04 -20.78
N PRO A 711 -0.06 0.78 -20.90
CA PRO A 711 -0.71 0.89 -22.21
C PRO A 711 0.08 1.72 -23.22
N LEU A 712 0.86 2.69 -22.79
CA LEU A 712 1.60 3.56 -23.75
C LEU A 712 3.10 3.43 -23.82
N ASP A 713 3.74 2.85 -22.81
CA ASP A 713 5.17 2.75 -22.82
C ASP A 713 5.57 1.29 -22.95
N PRO A 714 6.19 0.92 -24.08
CA PRO A 714 6.62 -0.45 -24.28
C PRO A 714 7.60 -0.98 -23.24
N ASP A 715 8.30 -0.10 -22.56
CA ASP A 715 9.31 -0.48 -21.59
C ASP A 715 8.77 -0.60 -20.15
N CYS A 716 7.50 -0.20 -19.91
CA CYS A 716 6.98 -0.06 -18.51
CA CYS A 716 6.99 -0.05 -18.55
C CYS A 716 5.93 -1.10 -18.19
N ILE A 717 6.10 -1.72 -17.00
CA ILE A 717 5.25 -2.74 -16.46
C ILE A 717 4.92 -2.38 -15.00
N TYR A 718 3.69 -2.74 -14.63
CA TYR A 718 3.15 -2.64 -13.26
C TYR A 718 2.99 -4.01 -12.66
N SER A 719 3.44 -4.19 -11.42
CA SER A 719 3.23 -5.46 -10.72
C SER A 719 2.78 -5.17 -9.24
N GLY A 720 1.98 -6.05 -8.75
CA GLY A 720 1.46 -6.03 -7.37
C GLY A 720 1.81 -7.32 -6.63
N ALA A 721 1.98 -7.23 -5.33
CA ALA A 721 2.42 -8.37 -4.53
C ALA A 721 1.83 -8.39 -3.15
N ASP A 722 2.14 -9.43 -2.42
CA ASP A 722 1.69 -9.50 -1.00
C ASP A 722 2.58 -8.75 -0.04
N ASP A 723 3.51 -7.95 -0.58
CA ASP A 723 4.23 -6.95 0.19
C ASP A 723 3.52 -5.59 0.32
N PHE A 724 2.25 -5.53 -0.07
CA PHE A 724 1.40 -4.36 -0.02
C PHE A 724 1.94 -3.25 -0.97
N CYS A 725 2.71 -3.62 -2.00
CA CYS A 725 3.24 -2.67 -2.93
C CYS A 725 2.76 -2.90 -4.34
N VAL A 726 2.65 -1.81 -5.08
CA VAL A 726 2.60 -1.85 -6.55
C VAL A 726 3.81 -1.09 -7.05
N HIS A 727 4.57 -1.73 -7.92
CA HIS A 727 5.72 -1.14 -8.54
C HIS A 727 5.49 -0.94 -10.02
N LYS A 728 5.89 0.23 -10.48
CA LYS A 728 6.00 0.51 -11.91
C LYS A 728 7.46 0.51 -12.19
N TRP A 729 7.89 -0.36 -13.11
CA TRP A 729 9.27 -0.58 -13.40
C TRP A 729 9.53 -0.66 -14.88
N LEU A 730 10.81 -0.47 -15.24
CA LEU A 730 11.23 -0.39 -16.64
CA LEU A 730 11.21 -0.39 -16.63
C LEU A 730 12.03 -1.59 -17.02
N THR A 731 11.66 -2.23 -18.10
CA THR A 731 12.39 -3.40 -18.56
C THR A 731 13.86 -3.08 -18.89
N SER A 732 14.09 -1.86 -19.33
CA SER A 732 15.45 -1.37 -19.66
C SER A 732 16.34 -1.14 -18.45
N MET A 733 15.79 -1.15 -17.24
CA MET A 733 16.60 -0.93 -16.06
C MET A 733 16.94 -2.22 -15.33
N GLN A 734 16.50 -3.37 -15.84
CA GLN A 734 16.65 -4.61 -15.13
C GLN A 734 17.90 -5.30 -15.63
N ASP A 735 18.89 -5.46 -14.76
CA ASP A 735 20.16 -6.09 -15.12
C ASP A 735 20.17 -7.61 -15.12
N HIS A 736 19.28 -8.26 -14.37
CA HIS A 736 19.19 -9.68 -14.33
C HIS A 736 18.31 -10.18 -15.42
N SER A 737 18.76 -11.18 -16.15
CA SER A 737 17.97 -11.65 -17.30
C SER A 737 16.96 -12.77 -16.95
N ARG A 738 17.19 -13.48 -15.86
CA ARG A 738 16.32 -14.56 -15.45
C ARG A 738 16.08 -14.61 -13.91
N PRO A 739 15.11 -15.42 -13.49
CA PRO A 739 14.87 -15.51 -12.09
C PRO A 739 16.06 -16.17 -11.34
N PRO A 740 16.23 -15.84 -10.06
CA PRO A 740 17.22 -16.52 -9.19
C PRO A 740 17.03 -18.04 -9.27
N GLN A 741 18.14 -18.78 -9.32
CA GLN A 741 18.10 -20.24 -9.44
C GLN A 741 18.57 -20.86 -8.15
#